data_2FH6
#
_entry.id   2FH6
#
_cell.length_a   149.263
_cell.length_b   60.420
_cell.length_c   133.650
_cell.angle_alpha   90.00
_cell.angle_beta   111.98
_cell.angle_gamma   90.00
#
_symmetry.space_group_name_H-M   'C 1 2 1'
#
loop_
_entity.id
_entity.type
_entity.pdbx_description
1 polymer 'Alpha-dextrin endo-1,6-alpha-glucosidase'
2 non-polymer alpha-D-glucopyranose
3 non-polymer 'CALCIUM ION'
4 water water
#
_entity_poly.entity_id   1
_entity_poly.type   'polypeptide(L)'
_entity_poly.pdbx_seq_one_letter_code
;CDNSSSSSTSGSPGSPGNPGNPGTPGTPDPQDVVVRLPDVAVPGEAVQASARQAVIHLVDIAGITSSTPADYATKNLYLW
NNETCDALSAPVADWNDVSTTPTGSDKYGPYWVIPLTKESGCINVIVRDGTNKLIDSDLRVSFSDFTDRTVSVIAGNSAV
YDSRADAFRAAFGVALADAHWVDKTTLLWPGGENKPIVRLYYSHSSKVAADSNGEFSDKYVKLTPTTVNQQVSMRFPHLA
SYPAFKLPDDVNVDELLQGETVAIAAESDGILSSATQVQTAGVLDDTYAAAAEALSYGAQLTDSGVTFRVWAPTAQQVEL
VIYSADKKVIASHPMTRDSASGAWSWQGGSDLKGAFYRYAMTVYHPQSRKVEQYEVTDPYAHSLSTNSEYSQVVDLNDSA
LKPEGWDGLTMPHAQKTKADLAKMTIHESHIRDLSAWDQTVPAELRGKYLALTAQESNMVQHLKQLSASGVTHIELLPVF
DLATVNEFSDKVADIQQPFSRLCEVNSAVKSSEFAGYCDSGSTVEEVLTQLKQNDSKDNPQVQALNTLVAQTDSYNWGYD
PFHYTVPEGSYATDPEGTARIKEFRTMIQAIKQDLGMNVIMDVVYNHTNAAGPTDRTSVLDKIVPWYYQRLNETTGSVES
ATCCSDSAPEHRMFAKLIADSLAVWTTDYKIDGFRFDLMLYHPKAQILSAWERIKALNPDIYFFGEGWDSNQSDRFEIAS
QINLKGTGIGTFSDRLRDAVRGGGPFDSGDALRQNQGVGSGAGVLPNELTTLSDDQARHLADLTRLGMAGNLADFVLIDK
DGAVKRGSEIDYNGAPGGYAADPTEVVNYVSKHDNQTLWDMISYKAAQEADLDTRVRMQAVSLATVMLGQGIAFDQQGSE
LLRSKSFTRDSYDSGDWFNRVDYSLQDNNYNVGMPRSSDDGSNYDIIARVKDAVATPGETELKQMTAFYQELTALRKSSP
LFTLGDGATVMKRVDFRNTGADQQTGLLVMTIDDGMQAGASLDSRVDGIVVAINAAPESRTLQDFAGTSLQLSAIQQAAG
DRSLASGVQVAADGSVTLPAWSVAVLELPQGESQGAGLPVSSK
;
_entity_poly.pdbx_strand_id   A
#
# COMPACT_ATOMS: atom_id res chain seq x y z
N ASP A 32 23.29 -51.40 8.55
CA ASP A 32 23.23 -49.91 8.43
C ASP A 32 24.25 -49.26 9.35
N VAL A 33 25.21 -48.57 8.76
CA VAL A 33 26.26 -47.89 9.52
C VAL A 33 25.64 -46.86 10.47
N VAL A 34 26.41 -46.47 11.48
CA VAL A 34 25.94 -45.49 12.46
C VAL A 34 26.69 -44.18 12.26
N VAL A 35 25.95 -43.10 12.03
CA VAL A 35 26.57 -41.79 11.84
C VAL A 35 27.14 -41.31 13.17
N ARG A 36 28.38 -40.84 13.13
CA ARG A 36 29.06 -40.36 14.33
C ARG A 36 30.01 -39.22 14.02
N LEU A 37 30.50 -38.56 15.07
CA LEU A 37 31.44 -37.47 14.92
C LEU A 37 32.79 -38.01 14.48
N PRO A 38 33.70 -37.14 14.01
CA PRO A 38 35.03 -37.57 13.57
C PRO A 38 35.72 -38.53 14.53
N ALA A 171 31.74 -28.44 15.89
CA ALA A 171 31.25 -27.85 14.65
C ALA A 171 30.68 -28.93 13.74
N PHE A 172 30.58 -30.15 14.24
CA PHE A 172 30.04 -31.25 13.47
C PHE A 172 28.64 -31.60 13.93
N GLY A 173 27.81 -30.56 14.09
CA GLY A 173 26.44 -30.75 14.51
C GLY A 173 25.47 -30.08 13.56
N VAL A 174 24.21 -30.01 13.95
CA VAL A 174 23.18 -29.39 13.12
C VAL A 174 23.49 -27.91 12.88
N ALA A 175 23.51 -27.53 11.62
CA ALA A 175 23.80 -26.14 11.25
C ALA A 175 22.96 -25.72 10.05
N LEU A 176 22.50 -24.47 10.07
CA LEU A 176 21.69 -23.92 8.99
C LEU A 176 20.39 -24.70 8.82
N ALA A 177 19.74 -24.49 7.68
CA ALA A 177 18.49 -25.17 7.35
C ALA A 177 18.32 -25.13 5.84
N ASP A 178 19.31 -25.65 5.13
CA ASP A 178 19.29 -25.63 3.68
C ASP A 178 18.71 -26.88 3.01
N ALA A 179 18.01 -27.70 3.80
CA ALA A 179 17.36 -28.90 3.26
C ALA A 179 15.88 -28.57 3.14
N HIS A 180 15.29 -28.89 1.99
CA HIS A 180 13.88 -28.59 1.74
C HIS A 180 13.03 -29.82 1.41
N TRP A 181 12.09 -30.12 2.31
CA TRP A 181 11.19 -31.25 2.10
C TRP A 181 10.03 -30.62 1.34
N VAL A 182 10.13 -30.62 0.01
CA VAL A 182 9.13 -29.99 -0.87
C VAL A 182 7.85 -30.77 -1.16
N ASP A 183 7.91 -32.10 -1.08
CA ASP A 183 6.72 -32.90 -1.28
C ASP A 183 6.86 -34.25 -0.61
N LYS A 184 5.76 -34.99 -0.54
CA LYS A 184 5.69 -36.30 0.09
C LYS A 184 6.97 -37.12 0.07
N THR A 185 7.63 -37.23 -1.08
CA THR A 185 8.83 -38.05 -1.18
C THR A 185 10.10 -37.35 -1.67
N THR A 186 10.06 -36.03 -1.81
CA THR A 186 11.23 -35.31 -2.30
C THR A 186 11.90 -34.40 -1.29
N LEU A 187 13.22 -34.54 -1.20
CA LEU A 187 14.02 -33.72 -0.29
C LEU A 187 15.14 -33.09 -1.12
N LEU A 188 15.17 -31.77 -1.15
CA LEU A 188 16.20 -31.05 -1.91
C LEU A 188 17.23 -30.50 -0.93
N TRP A 189 18.48 -30.94 -1.06
CA TRP A 189 19.53 -30.51 -0.16
C TRP A 189 20.94 -30.62 -0.75
N PRO A 190 21.65 -29.48 -0.86
CA PRO A 190 23.00 -29.45 -1.41
C PRO A 190 23.99 -30.32 -0.63
N GLY A 191 23.81 -30.39 0.68
CA GLY A 191 24.71 -31.16 1.52
C GLY A 191 24.79 -32.66 1.29
N GLY A 192 23.79 -33.23 0.64
CA GLY A 192 23.81 -34.66 0.42
C GLY A 192 24.42 -35.11 -0.89
N GLU A 193 24.90 -34.16 -1.69
CA GLU A 193 25.49 -34.47 -2.99
C GLU A 193 26.79 -35.28 -2.87
N ASN A 194 26.90 -36.31 -3.70
CA ASN A 194 28.08 -37.18 -3.74
C ASN A 194 28.33 -37.94 -2.44
N LYS A 195 27.50 -37.70 -1.43
CA LYS A 195 27.65 -38.38 -0.15
C LYS A 195 27.00 -39.75 -0.14
N PRO A 196 27.71 -40.76 0.39
CA PRO A 196 27.23 -42.15 0.47
C PRO A 196 26.02 -42.33 1.36
N ILE A 197 26.05 -41.69 2.53
CA ILE A 197 24.95 -41.78 3.49
C ILE A 197 24.15 -40.48 3.59
N VAL A 198 22.90 -40.54 3.15
CA VAL A 198 22.00 -39.38 3.18
C VAL A 198 20.73 -39.82 3.89
N ARG A 199 20.48 -39.26 5.08
CA ARG A 199 19.31 -39.64 5.85
C ARG A 199 18.51 -38.46 6.39
N LEU A 200 17.27 -38.74 6.77
CA LEU A 200 16.39 -37.74 7.35
C LEU A 200 16.04 -38.21 8.75
N TYR A 201 16.79 -37.74 9.74
CA TYR A 201 16.56 -38.12 11.12
C TYR A 201 15.38 -37.33 11.68
N TYR A 202 14.69 -37.91 12.65
CA TYR A 202 13.54 -37.23 13.24
C TYR A 202 13.35 -37.57 14.71
N SER A 203 12.88 -36.57 15.46
CA SER A 203 12.62 -36.73 16.88
C SER A 203 11.32 -36.01 17.21
N HIS A 204 10.38 -36.73 17.81
CA HIS A 204 9.07 -36.18 18.15
C HIS A 204 9.11 -35.07 19.19
N SER A 205 9.74 -35.33 20.33
CA SER A 205 9.79 -34.35 21.40
C SER A 205 11.18 -33.88 21.78
N SER A 206 12.19 -34.28 21.02
CA SER A 206 13.56 -33.88 21.33
C SER A 206 14.31 -33.26 20.16
N LYS A 207 15.41 -32.58 20.49
CA LYS A 207 16.26 -31.93 19.51
C LYS A 207 17.35 -32.92 19.11
N VAL A 208 17.41 -33.30 17.84
CA VAL A 208 18.41 -34.25 17.38
C VAL A 208 19.81 -33.72 17.63
N ALA A 209 20.67 -34.58 18.16
CA ALA A 209 22.05 -34.24 18.46
C ALA A 209 22.79 -35.51 18.85
N ALA A 210 24.08 -35.56 18.55
CA ALA A 210 24.89 -36.71 18.87
C ALA A 210 24.86 -36.96 20.38
N ASP A 211 24.76 -38.22 20.77
CA ASP A 211 24.74 -38.58 22.18
C ASP A 211 26.14 -38.43 22.80
N SER A 212 26.25 -38.80 24.08
CA SER A 212 27.52 -38.70 24.79
C SER A 212 28.62 -39.53 24.13
N ASN A 213 28.21 -40.55 23.36
CA ASN A 213 29.16 -41.41 22.68
C ASN A 213 29.57 -40.81 21.34
N GLY A 214 28.97 -39.68 20.99
CA GLY A 214 29.29 -39.01 19.74
C GLY A 214 28.57 -39.58 18.53
N GLU A 215 27.48 -40.30 18.76
CA GLU A 215 26.71 -40.90 17.68
C GLU A 215 25.28 -40.36 17.64
N PHE A 216 24.66 -40.45 16.46
CA PHE A 216 23.29 -39.99 16.29
C PHE A 216 22.40 -41.21 16.33
N SER A 217 21.87 -41.52 17.51
CA SER A 217 21.03 -42.70 17.70
C SER A 217 19.52 -42.45 17.64
N ASP A 218 19.10 -41.43 16.89
CA ASP A 218 17.68 -41.16 16.75
C ASP A 218 17.15 -41.88 15.52
N LYS A 219 15.83 -42.05 15.46
CA LYS A 219 15.19 -42.72 14.33
C LYS A 219 15.48 -41.94 13.05
N TYR A 220 15.52 -42.63 11.93
CA TYR A 220 15.79 -41.97 10.65
C TYR A 220 15.21 -42.72 9.46
N VAL A 221 15.17 -42.02 8.32
CA VAL A 221 14.68 -42.57 7.07
C VAL A 221 15.81 -42.50 6.05
N LYS A 222 15.92 -43.51 5.20
CA LYS A 222 16.97 -43.55 4.18
C LYS A 222 16.58 -42.77 2.94
N LEU A 223 17.47 -41.88 2.50
CA LEU A 223 17.24 -41.08 1.31
C LEU A 223 18.14 -41.57 0.18
N THR A 224 17.56 -41.71 -1.01
CA THR A 224 18.32 -42.17 -2.16
C THR A 224 18.35 -41.09 -3.24
N PRO A 225 19.52 -40.87 -3.86
CA PRO A 225 19.65 -39.86 -4.92
C PRO A 225 18.56 -40.00 -5.98
N THR A 226 18.13 -38.88 -6.54
CA THR A 226 17.10 -38.88 -7.56
C THR A 226 17.17 -37.58 -8.37
N THR A 227 16.28 -37.45 -9.34
CA THR A 227 16.24 -36.26 -10.18
C THR A 227 14.92 -35.53 -9.92
N VAL A 228 15.01 -34.23 -9.63
CA VAL A 228 13.82 -33.44 -9.35
C VAL A 228 12.78 -33.62 -10.45
N ASN A 229 11.52 -33.80 -10.05
CA ASN A 229 10.44 -33.99 -11.01
C ASN A 229 9.92 -32.66 -11.54
N GLN A 230 9.14 -32.73 -12.62
CA GLN A 230 8.56 -31.56 -13.24
C GLN A 230 7.66 -30.80 -12.28
N GLN A 231 6.86 -31.53 -11.49
CA GLN A 231 5.94 -30.92 -10.55
C GLN A 231 6.67 -30.05 -9.53
N VAL A 232 7.72 -30.60 -8.92
CA VAL A 232 8.49 -29.87 -7.93
C VAL A 232 9.27 -28.71 -8.55
N SER A 233 9.79 -28.92 -9.76
CA SER A 233 10.56 -27.90 -10.45
C SER A 233 9.69 -26.67 -10.76
N MET A 234 8.43 -26.91 -11.10
CA MET A 234 7.51 -25.84 -11.43
C MET A 234 7.06 -25.08 -10.17
N ARG A 235 6.87 -25.82 -9.08
CA ARG A 235 6.45 -25.20 -7.82
C ARG A 235 7.55 -24.34 -7.23
N PHE A 236 8.78 -24.86 -7.22
CA PHE A 236 9.91 -24.13 -6.66
C PHE A 236 11.08 -24.03 -7.65
N PRO A 237 10.92 -23.19 -8.69
CA PRO A 237 11.94 -22.99 -9.72
C PRO A 237 13.29 -22.59 -9.16
N HIS A 238 13.27 -21.85 -8.05
CA HIS A 238 14.49 -21.39 -7.42
C HIS A 238 15.26 -22.50 -6.71
N LEU A 239 14.67 -23.68 -6.60
CA LEU A 239 15.32 -24.81 -5.94
C LEU A 239 15.58 -25.96 -6.91
N ALA A 240 15.19 -25.77 -8.17
CA ALA A 240 15.35 -26.79 -9.20
C ALA A 240 16.79 -27.26 -9.39
N SER A 241 17.77 -26.45 -8.99
CA SER A 241 19.17 -26.81 -9.15
C SER A 241 19.72 -27.61 -7.96
N TYR A 242 18.94 -27.68 -6.88
CA TYR A 242 19.38 -28.40 -5.69
C TYR A 242 19.43 -29.91 -5.90
N PRO A 243 20.42 -30.57 -5.29
CA PRO A 243 20.53 -32.03 -5.43
C PRO A 243 19.26 -32.64 -4.84
N ALA A 244 18.62 -33.54 -5.58
CA ALA A 244 17.38 -34.14 -5.12
C ALA A 244 17.55 -35.53 -4.52
N PHE A 245 16.74 -35.83 -3.52
CA PHE A 245 16.78 -37.12 -2.83
C PHE A 245 15.35 -37.60 -2.60
N LYS A 246 15.14 -38.90 -2.74
CA LYS A 246 13.81 -39.46 -2.56
C LYS A 246 13.65 -40.26 -1.28
N LEU A 247 12.48 -40.12 -0.65
CA LEU A 247 12.17 -40.85 0.57
C LEU A 247 11.31 -42.04 0.14
N PRO A 248 11.31 -43.12 0.95
CA PRO A 248 10.49 -44.29 0.59
C PRO A 248 9.01 -43.91 0.54
N ASP A 249 8.25 -44.60 -0.29
CA ASP A 249 6.82 -44.32 -0.42
C ASP A 249 6.01 -44.66 0.82
N ASP A 250 6.59 -45.45 1.73
CA ASP A 250 5.89 -45.85 2.94
C ASP A 250 6.21 -44.97 4.15
N VAL A 251 6.94 -43.89 3.92
CA VAL A 251 7.30 -42.98 5.01
C VAL A 251 6.06 -42.35 5.64
N ASN A 252 6.02 -42.33 6.96
CA ASN A 252 4.90 -41.75 7.69
C ASN A 252 5.10 -40.24 7.81
N VAL A 253 4.83 -39.54 6.72
CA VAL A 253 4.98 -38.09 6.66
C VAL A 253 4.35 -37.35 7.83
N ASP A 254 3.10 -37.66 8.13
CA ASP A 254 2.39 -37.00 9.21
C ASP A 254 3.13 -37.05 10.55
N GLU A 255 3.58 -38.24 10.95
CA GLU A 255 4.29 -38.37 12.21
C GLU A 255 5.61 -37.60 12.23
N LEU A 256 6.34 -37.63 11.12
CA LEU A 256 7.61 -36.92 11.04
C LEU A 256 7.41 -35.41 11.14
N LEU A 257 6.33 -34.91 10.56
CA LEU A 257 6.05 -33.47 10.59
C LEU A 257 5.57 -32.98 11.95
N GLN A 258 5.38 -33.91 12.88
CA GLN A 258 4.92 -33.59 14.23
C GLN A 258 6.06 -33.13 15.13
N GLY A 259 7.30 -33.38 14.70
CA GLY A 259 8.44 -32.98 15.49
C GLY A 259 9.54 -32.37 14.66
N GLU A 260 10.78 -32.55 15.11
CA GLU A 260 11.92 -32.00 14.39
C GLU A 260 12.50 -33.01 13.44
N THR A 261 12.89 -32.54 12.26
CA THR A 261 13.51 -33.39 11.26
C THR A 261 14.82 -32.71 10.89
N VAL A 262 15.85 -33.52 10.70
CA VAL A 262 17.16 -33.00 10.34
C VAL A 262 17.78 -33.89 9.27
N ALA A 263 18.27 -33.26 8.21
CA ALA A 263 18.89 -34.00 7.12
C ALA A 263 20.35 -34.20 7.48
N ILE A 264 20.81 -35.45 7.41
CA ILE A 264 22.19 -35.76 7.74
C ILE A 264 22.89 -36.53 6.63
N ALA A 265 24.15 -36.17 6.39
CA ALA A 265 24.95 -36.82 5.36
C ALA A 265 26.30 -37.19 5.97
N ALA A 266 26.82 -38.36 5.58
CA ALA A 266 28.11 -38.82 6.09
C ALA A 266 28.82 -39.67 5.06
N GLU A 267 30.13 -39.81 5.23
CA GLU A 267 30.93 -40.61 4.32
C GLU A 267 30.64 -42.09 4.54
N SER A 268 31.25 -42.94 3.71
CA SER A 268 31.06 -44.38 3.81
C SER A 268 31.39 -44.90 5.22
N ASP A 269 32.47 -44.37 5.80
CA ASP A 269 32.88 -44.77 7.13
C ASP A 269 31.88 -44.37 8.21
N GLY A 270 30.84 -43.66 7.80
CA GLY A 270 29.82 -43.24 8.75
C GLY A 270 30.13 -41.96 9.49
N ILE A 271 31.21 -41.27 9.12
CA ILE A 271 31.56 -40.03 9.78
C ILE A 271 30.78 -38.86 9.21
N LEU A 272 30.03 -38.18 10.07
CA LEU A 272 29.20 -37.04 9.69
C LEU A 272 29.94 -36.01 8.84
N SER A 273 29.31 -35.59 7.75
CA SER A 273 29.89 -34.58 6.87
C SER A 273 29.11 -33.27 7.06
N SER A 274 27.82 -33.39 7.37
CA SER A 274 26.97 -32.23 7.60
C SER A 274 25.56 -32.61 8.02
N ALA A 275 24.95 -31.75 8.84
CA ALA A 275 23.59 -31.95 9.32
C ALA A 275 22.91 -30.58 9.32
N THR A 276 21.69 -30.52 8.82
CA THR A 276 20.97 -29.25 8.77
C THR A 276 19.47 -29.42 9.04
N GLN A 277 18.82 -28.33 9.39
CA GLN A 277 17.38 -28.38 9.66
C GLN A 277 16.63 -28.43 8.35
N VAL A 278 15.34 -28.77 8.41
CA VAL A 278 14.53 -28.90 7.21
C VAL A 278 13.36 -27.93 7.12
N GLN A 279 13.18 -27.33 5.94
CA GLN A 279 12.08 -26.41 5.69
C GLN A 279 10.99 -27.30 5.08
N THR A 280 9.85 -27.36 5.77
CA THR A 280 8.74 -28.22 5.38
C THR A 280 7.52 -27.62 4.69
N ALA A 281 7.54 -26.32 4.39
CA ALA A 281 6.39 -25.67 3.76
C ALA A 281 5.89 -26.44 2.52
N GLY A 282 6.80 -26.91 1.69
CA GLY A 282 6.41 -27.64 0.49
C GLY A 282 5.64 -28.92 0.74
N VAL A 283 6.17 -29.79 1.58
CA VAL A 283 5.49 -31.04 1.86
C VAL A 283 4.16 -30.78 2.59
N LEU A 284 4.10 -29.69 3.36
CA LEU A 284 2.85 -29.39 4.06
C LEU A 284 1.74 -29.13 3.05
N ASP A 285 2.05 -28.36 2.01
CA ASP A 285 1.05 -28.08 0.98
C ASP A 285 0.70 -29.33 0.21
N ASP A 286 1.73 -30.09 -0.16
CA ASP A 286 1.51 -31.32 -0.92
C ASP A 286 0.68 -32.33 -0.15
N THR A 287 0.85 -32.36 1.17
CA THR A 287 0.13 -33.30 2.01
C THR A 287 -1.25 -32.86 2.51
N TYR A 288 -1.38 -31.60 2.92
CA TYR A 288 -2.62 -31.10 3.50
C TYR A 288 -3.41 -29.99 2.79
N ALA A 289 -2.73 -29.19 1.97
CA ALA A 289 -3.39 -28.05 1.31
C ALA A 289 -4.77 -28.25 0.69
N ALA A 290 -4.90 -29.23 -0.20
CA ALA A 290 -6.18 -29.47 -0.84
C ALA A 290 -7.30 -29.74 0.16
N ALA A 291 -7.06 -30.67 1.07
CA ALA A 291 -8.07 -31.01 2.08
C ALA A 291 -8.39 -29.80 2.95
N ALA A 292 -7.35 -29.06 3.33
CA ALA A 292 -7.52 -27.88 4.17
C ALA A 292 -8.21 -26.73 3.46
N GLU A 293 -7.98 -26.61 2.15
CA GLU A 293 -8.59 -25.54 1.36
C GLU A 293 -10.11 -25.67 1.28
N ALA A 294 -10.59 -26.91 1.34
CA ALA A 294 -12.02 -27.20 1.26
C ALA A 294 -12.81 -26.85 2.51
N LEU A 295 -12.12 -26.41 3.55
CA LEU A 295 -12.78 -26.06 4.81
C LEU A 295 -12.76 -24.56 5.08
N SER A 296 -13.57 -24.13 6.05
CA SER A 296 -13.65 -22.72 6.45
C SER A 296 -13.07 -22.59 7.86
N TYR A 297 -12.43 -21.45 8.14
CA TYR A 297 -11.77 -21.24 9.41
C TYR A 297 -12.27 -20.10 10.30
N GLY A 298 -11.81 -20.10 11.54
CA GLY A 298 -12.19 -19.09 12.51
C GLY A 298 -13.29 -19.59 13.41
N ALA A 299 -13.83 -18.69 14.23
CA ALA A 299 -14.93 -19.02 15.14
C ALA A 299 -16.19 -18.71 14.35
N GLN A 300 -16.70 -19.74 13.70
CA GLN A 300 -17.87 -19.63 12.84
C GLN A 300 -19.17 -19.80 13.59
N LEU A 301 -19.75 -18.66 13.95
CA LEU A 301 -20.97 -18.58 14.72
C LEU A 301 -22.23 -18.36 13.91
N THR A 302 -23.22 -19.20 14.18
CA THR A 302 -24.54 -19.12 13.55
C THR A 302 -25.47 -19.11 14.76
N ASP A 303 -26.73 -18.75 14.57
CA ASP A 303 -27.65 -18.70 15.71
C ASP A 303 -27.88 -20.10 16.28
N SER A 304 -27.53 -21.13 15.52
CA SER A 304 -27.71 -22.52 15.95
C SER A 304 -26.48 -23.13 16.63
N GLY A 305 -25.36 -22.42 16.62
CA GLY A 305 -24.17 -22.94 17.26
C GLY A 305 -22.89 -22.35 16.71
N VAL A 306 -21.74 -22.88 17.14
CA VAL A 306 -20.47 -22.39 16.66
C VAL A 306 -19.48 -23.51 16.41
N THR A 307 -18.66 -23.34 15.37
CA THR A 307 -17.64 -24.32 15.04
C THR A 307 -16.33 -23.55 14.90
N PHE A 308 -15.36 -23.89 15.75
CA PHE A 308 -14.05 -23.24 15.68
C PHE A 308 -13.16 -24.13 14.84
N ARG A 309 -12.35 -23.55 13.98
CA ARG A 309 -11.43 -24.34 13.17
C ARG A 309 -10.16 -23.54 12.91
N VAL A 310 -9.02 -24.19 13.10
CA VAL A 310 -7.73 -23.56 12.88
C VAL A 310 -6.81 -24.57 12.20
N TRP A 311 -6.05 -24.11 11.21
CA TRP A 311 -5.15 -24.99 10.50
C TRP A 311 -3.82 -25.04 11.24
N ALA A 312 -3.44 -26.23 11.69
CA ALA A 312 -2.20 -26.45 12.43
C ALA A 312 -1.75 -27.89 12.19
N PRO A 313 -1.37 -28.20 10.95
CA PRO A 313 -0.93 -29.53 10.52
C PRO A 313 0.28 -30.14 11.25
N THR A 314 1.10 -29.31 11.88
CA THR A 314 2.27 -29.81 12.58
C THR A 314 2.13 -29.84 14.10
N ALA A 315 1.10 -29.19 14.62
CA ALA A 315 0.91 -29.14 16.07
C ALA A 315 0.67 -30.53 16.66
N GLN A 316 1.19 -30.76 17.86
CA GLN A 316 1.01 -32.03 18.55
C GLN A 316 -0.28 -31.99 19.35
N GLN A 317 -0.65 -30.79 19.79
CA GLN A 317 -1.89 -30.61 20.55
C GLN A 317 -2.39 -29.19 20.33
N VAL A 318 -3.72 -29.05 20.37
CA VAL A 318 -4.34 -27.73 20.22
C VAL A 318 -5.58 -27.73 21.10
N GLU A 319 -5.65 -26.77 22.02
CA GLU A 319 -6.80 -26.68 22.89
C GLU A 319 -7.44 -25.30 22.72
N LEU A 320 -8.76 -25.28 22.72
CA LEU A 320 -9.51 -24.03 22.59
C LEU A 320 -9.73 -23.49 24.00
N VAL A 321 -9.12 -22.33 24.30
CA VAL A 321 -9.27 -21.74 25.62
C VAL A 321 -10.31 -20.62 25.58
N ILE A 322 -11.35 -20.77 26.39
CA ILE A 322 -12.44 -19.80 26.45
C ILE A 322 -12.26 -18.90 27.67
N TYR A 323 -12.30 -17.59 27.43
CA TYR A 323 -12.14 -16.61 28.50
C TYR A 323 -13.39 -15.78 28.77
N SER A 324 -13.52 -15.33 30.01
CA SER A 324 -14.64 -14.49 30.41
C SER A 324 -14.30 -13.07 29.98
N ALA A 325 -15.25 -12.16 30.15
CA ALA A 325 -15.03 -10.76 29.79
C ALA A 325 -13.83 -10.21 30.58
N ASP A 326 -13.67 -10.68 31.81
CA ASP A 326 -12.57 -10.23 32.67
C ASP A 326 -11.27 -10.99 32.40
N LYS A 327 -11.27 -11.78 31.33
CA LYS A 327 -10.12 -12.57 30.91
C LYS A 327 -9.69 -13.67 31.88
N LYS A 328 -10.66 -14.35 32.46
CA LYS A 328 -10.39 -15.46 33.35
C LYS A 328 -10.77 -16.69 32.53
N VAL A 329 -9.98 -17.76 32.63
CA VAL A 329 -10.27 -18.97 31.87
C VAL A 329 -11.51 -19.63 32.42
N ILE A 330 -12.49 -19.88 31.55
CA ILE A 330 -13.70 -20.54 32.01
C ILE A 330 -13.81 -21.95 31.43
N ALA A 331 -12.91 -22.27 30.51
CA ALA A 331 -12.89 -23.58 29.88
C ALA A 331 -11.73 -23.73 28.90
N SER A 332 -11.18 -24.93 28.83
CA SER A 332 -10.09 -25.26 27.91
C SER A 332 -10.50 -26.59 27.27
N HIS A 333 -10.81 -26.55 25.98
CA HIS A 333 -11.26 -27.73 25.26
C HIS A 333 -10.25 -28.35 24.31
N PRO A 334 -9.87 -29.61 24.51
CA PRO A 334 -8.92 -30.17 23.56
C PRO A 334 -9.68 -30.25 22.23
N MET A 335 -9.07 -29.80 21.14
CA MET A 335 -9.74 -29.82 19.87
C MET A 335 -9.61 -31.17 19.15
N THR A 336 -10.36 -31.34 18.08
CA THR A 336 -10.34 -32.58 17.32
C THR A 336 -9.61 -32.37 16.01
N ARG A 337 -8.52 -33.12 15.81
CA ARG A 337 -7.72 -32.99 14.60
C ARG A 337 -8.28 -33.82 13.46
N ASP A 338 -8.28 -33.24 12.25
CA ASP A 338 -8.73 -33.93 11.05
C ASP A 338 -7.43 -34.36 10.38
N SER A 339 -7.24 -35.66 10.22
CA SER A 339 -6.01 -36.18 9.61
C SER A 339 -5.77 -35.77 8.17
N ALA A 340 -6.83 -35.68 7.38
CA ALA A 340 -6.69 -35.32 5.97
C ALA A 340 -6.16 -33.90 5.77
N SER A 341 -6.73 -32.95 6.52
CA SER A 341 -6.37 -31.54 6.41
C SER A 341 -5.34 -31.01 7.40
N GLY A 342 -5.29 -31.61 8.58
CA GLY A 342 -4.37 -31.12 9.58
C GLY A 342 -4.99 -29.94 10.30
N ALA A 343 -6.30 -29.79 10.15
CA ALA A 343 -7.02 -28.71 10.81
C ALA A 343 -7.62 -29.25 12.11
N TRP A 344 -7.81 -28.36 13.08
CA TRP A 344 -8.39 -28.75 14.36
C TRP A 344 -9.70 -28.00 14.53
N SER A 345 -10.71 -28.70 15.06
CA SER A 345 -12.00 -28.06 15.24
C SER A 345 -12.66 -28.44 16.55
N TRP A 346 -13.65 -27.65 16.92
CA TRP A 346 -14.41 -27.87 18.14
C TRP A 346 -15.77 -27.24 17.92
N GLN A 347 -16.83 -27.97 18.23
CA GLN A 347 -18.18 -27.49 18.03
C GLN A 347 -18.89 -27.27 19.37
N GLY A 348 -19.53 -26.10 19.50
CA GLY A 348 -20.24 -25.78 20.73
C GLY A 348 -21.56 -25.09 20.46
N GLY A 349 -22.19 -24.59 21.52
CA GLY A 349 -23.48 -23.92 21.38
C GLY A 349 -23.35 -22.45 21.07
N SER A 350 -24.46 -21.83 20.69
CA SER A 350 -24.49 -20.42 20.36
C SER A 350 -24.26 -19.50 21.57
N ASP A 351 -24.23 -20.08 22.76
CA ASP A 351 -24.02 -19.29 23.97
C ASP A 351 -22.58 -18.77 24.01
N LEU A 352 -21.74 -19.25 23.09
CA LEU A 352 -20.37 -18.82 23.04
C LEU A 352 -20.22 -17.50 22.27
N LYS A 353 -21.33 -17.01 21.73
CA LYS A 353 -21.32 -15.74 21.03
C LYS A 353 -20.75 -14.69 21.96
N GLY A 354 -19.80 -13.90 21.45
CA GLY A 354 -19.19 -12.85 22.25
C GLY A 354 -18.05 -13.27 23.16
N ALA A 355 -17.84 -14.58 23.30
CA ALA A 355 -16.77 -15.08 24.17
C ALA A 355 -15.39 -14.81 23.61
N PHE A 356 -14.43 -14.60 24.51
CA PHE A 356 -13.05 -14.37 24.13
C PHE A 356 -12.36 -15.73 24.10
N TYR A 357 -11.40 -15.90 23.21
CA TYR A 357 -10.71 -17.18 23.11
C TYR A 357 -9.34 -17.08 22.48
N ARG A 358 -8.56 -18.14 22.67
CA ARG A 358 -7.23 -18.27 22.09
C ARG A 358 -6.99 -19.75 21.90
N TYR A 359 -6.03 -20.09 21.05
CA TYR A 359 -5.71 -21.48 20.81
C TYR A 359 -4.41 -21.79 21.55
N ALA A 360 -4.46 -22.76 22.45
CA ALA A 360 -3.28 -23.16 23.20
C ALA A 360 -2.57 -24.17 22.31
N MET A 361 -1.40 -23.76 21.80
CA MET A 361 -0.63 -24.61 20.92
C MET A 361 0.50 -25.35 21.60
N THR A 362 0.76 -26.56 21.11
CA THR A 362 1.86 -27.40 21.56
C THR A 362 2.42 -27.76 20.20
N VAL A 363 3.45 -27.03 19.78
CA VAL A 363 3.99 -27.26 18.44
C VAL A 363 5.49 -26.98 18.33
N TYR A 364 6.15 -27.79 17.53
CA TYR A 364 7.58 -27.64 17.31
C TYR A 364 7.85 -26.41 16.45
N HIS A 365 8.73 -25.52 16.91
CA HIS A 365 9.07 -24.34 16.13
C HIS A 365 10.53 -24.51 15.73
N PRO A 366 10.79 -24.67 14.43
CA PRO A 366 12.16 -24.85 13.90
C PRO A 366 13.16 -23.77 14.31
N GLN A 367 12.69 -22.54 14.50
CA GLN A 367 13.59 -21.46 14.87
C GLN A 367 14.23 -21.68 16.24
N SER A 368 13.42 -22.09 17.21
CA SER A 368 13.91 -22.34 18.57
C SER A 368 14.25 -23.81 18.78
N ARG A 369 13.87 -24.65 17.81
CA ARG A 369 14.11 -26.08 17.87
C ARG A 369 13.49 -26.75 19.09
N LYS A 370 12.34 -26.25 19.53
CA LYS A 370 11.68 -26.84 20.69
C LYS A 370 10.18 -26.90 20.50
N VAL A 371 9.54 -27.83 21.20
CA VAL A 371 8.10 -27.98 21.14
C VAL A 371 7.57 -26.87 22.03
N GLU A 372 7.14 -25.78 21.41
CA GLU A 372 6.63 -24.63 22.12
C GLU A 372 5.22 -24.85 22.68
N GLN A 373 4.92 -24.14 23.75
CA GLN A 373 3.61 -24.21 24.39
C GLN A 373 3.19 -22.77 24.63
N TYR A 374 2.22 -22.30 23.86
CA TYR A 374 1.73 -20.93 24.01
C TYR A 374 0.33 -20.73 23.45
N GLU A 375 -0.34 -19.70 23.95
CA GLU A 375 -1.67 -19.38 23.49
C GLU A 375 -1.57 -18.30 22.43
N VAL A 376 -2.29 -18.51 21.32
CA VAL A 376 -2.26 -17.56 20.23
C VAL A 376 -3.67 -17.19 19.78
N THR A 377 -3.84 -15.95 19.35
CA THR A 377 -5.14 -15.49 18.87
C THR A 377 -5.39 -16.16 17.52
N ASP A 378 -6.64 -16.12 17.10
CA ASP A 378 -7.06 -16.72 15.83
C ASP A 378 -6.61 -15.88 14.63
N PRO A 379 -5.90 -16.50 13.67
CA PRO A 379 -5.48 -15.72 12.50
C PRO A 379 -6.71 -15.33 11.68
N TYR A 380 -7.81 -16.02 11.90
CA TYR A 380 -9.07 -15.75 11.22
C TYR A 380 -9.99 -14.97 12.16
N ALA A 381 -9.39 -14.32 13.15
CA ALA A 381 -10.19 -13.55 14.09
C ALA A 381 -11.02 -12.50 13.36
N HIS A 382 -12.25 -12.29 13.81
CA HIS A 382 -13.11 -11.29 13.21
C HIS A 382 -13.52 -10.26 14.26
N SER A 383 -13.06 -10.48 15.48
CA SER A 383 -13.30 -9.55 16.58
C SER A 383 -12.19 -9.77 17.59
N LEU A 384 -11.84 -8.72 18.33
CA LEU A 384 -10.74 -8.81 19.28
C LEU A 384 -11.01 -7.99 20.54
N SER A 385 -10.21 -8.26 21.57
CA SER A 385 -10.28 -7.53 22.82
C SER A 385 -9.29 -6.39 22.62
N THR A 386 -9.18 -5.51 23.61
CA THR A 386 -8.27 -4.38 23.53
C THR A 386 -6.83 -4.80 23.27
N ASN A 387 -6.21 -4.16 22.28
CA ASN A 387 -4.83 -4.42 21.89
C ASN A 387 -4.60 -5.80 21.30
N SER A 388 -5.68 -6.41 20.82
CA SER A 388 -5.63 -7.73 20.17
C SER A 388 -5.13 -8.90 21.02
N GLU A 389 -5.24 -8.82 22.34
CA GLU A 389 -4.74 -9.89 23.19
C GLU A 389 -5.54 -11.18 23.08
N TYR A 390 -6.85 -11.05 22.85
CA TYR A 390 -7.72 -12.22 22.72
C TYR A 390 -8.61 -12.07 21.51
N SER A 391 -8.93 -13.18 20.84
CA SER A 391 -9.84 -13.11 19.70
C SER A 391 -11.23 -13.25 20.31
N GLN A 392 -12.27 -12.93 19.53
CA GLN A 392 -13.64 -13.00 20.06
C GLN A 392 -14.61 -13.58 19.06
N VAL A 393 -15.54 -14.41 19.55
CA VAL A 393 -16.54 -15.03 18.70
C VAL A 393 -17.55 -13.98 18.28
N VAL A 394 -17.78 -13.85 16.97
CA VAL A 394 -18.72 -12.87 16.48
C VAL A 394 -19.40 -13.31 15.18
N ASP A 395 -20.62 -12.81 14.97
CA ASP A 395 -21.36 -13.09 13.74
C ASP A 395 -21.53 -11.72 13.11
N LEU A 396 -20.68 -11.40 12.16
CA LEU A 396 -20.72 -10.11 11.51
C LEU A 396 -22.07 -9.78 10.87
N ASN A 397 -22.91 -10.80 10.70
CA ASN A 397 -24.23 -10.59 10.11
C ASN A 397 -25.22 -9.98 11.12
N ASP A 398 -24.87 -10.04 12.40
CA ASP A 398 -25.73 -9.52 13.45
C ASP A 398 -26.16 -8.08 13.20
N SER A 399 -27.47 -7.83 13.26
CA SER A 399 -28.00 -6.49 13.03
C SER A 399 -27.50 -5.51 14.09
N ALA A 400 -27.16 -6.03 15.27
CA ALA A 400 -26.67 -5.19 16.36
C ALA A 400 -25.32 -4.59 16.01
N LEU A 401 -24.64 -5.17 15.03
CA LEU A 401 -23.32 -4.68 14.61
C LEU A 401 -23.39 -3.87 13.33
N LYS A 402 -24.59 -3.48 12.94
CA LYS A 402 -24.80 -2.72 11.71
C LYS A 402 -25.50 -1.40 11.93
N PRO A 403 -25.06 -0.34 11.25
CA PRO A 403 -25.75 0.94 11.45
C PRO A 403 -27.08 0.80 10.72
N GLU A 404 -28.03 1.68 11.04
CA GLU A 404 -29.34 1.63 10.40
C GLU A 404 -29.24 1.71 8.88
N GLY A 405 -29.89 0.78 8.19
CA GLY A 405 -29.89 0.77 6.73
C GLY A 405 -28.64 0.23 6.06
N TRP A 406 -27.75 -0.37 6.84
CA TRP A 406 -26.50 -0.92 6.32
C TRP A 406 -26.65 -1.85 5.13
N ASP A 407 -27.51 -2.86 5.25
CA ASP A 407 -27.69 -3.82 4.17
C ASP A 407 -28.07 -3.21 2.83
N GLY A 408 -28.68 -2.03 2.85
CA GLY A 408 -29.08 -1.39 1.62
C GLY A 408 -28.06 -0.40 1.06
N LEU A 409 -26.92 -0.27 1.74
CA LEU A 409 -25.88 0.65 1.29
C LEU A 409 -25.40 0.30 -0.11
N THR A 410 -25.46 1.26 -1.02
CA THR A 410 -25.01 1.03 -2.38
C THR A 410 -23.77 1.87 -2.69
N MET A 411 -23.05 1.50 -3.74
CA MET A 411 -21.85 2.21 -4.14
C MET A 411 -22.25 3.48 -4.90
N PRO A 412 -21.80 4.66 -4.45
CA PRO A 412 -22.16 5.89 -5.16
C PRO A 412 -21.59 6.00 -6.57
N HIS A 413 -20.44 5.38 -6.81
CA HIS A 413 -19.81 5.42 -8.13
C HIS A 413 -19.68 4.04 -8.76
N ALA A 414 -20.04 3.96 -10.04
CA ALA A 414 -19.97 2.69 -10.77
C ALA A 414 -18.53 2.29 -11.04
N GLN A 415 -18.30 0.98 -11.08
CA GLN A 415 -16.98 0.41 -11.33
C GLN A 415 -17.14 -0.79 -12.26
N LYS A 416 -18.23 -0.84 -13.00
CA LYS A 416 -18.50 -1.97 -13.89
C LYS A 416 -17.68 -1.99 -15.18
N THR A 417 -17.80 -0.94 -15.99
CA THR A 417 -17.07 -0.87 -17.25
C THR A 417 -15.73 -0.15 -17.08
N LYS A 418 -14.87 -0.24 -18.10
CA LYS A 418 -13.58 0.43 -18.03
C LYS A 418 -13.81 1.93 -17.98
N ALA A 419 -14.84 2.40 -18.68
CA ALA A 419 -15.17 3.82 -18.68
C ALA A 419 -15.54 4.24 -17.25
N ASP A 420 -16.29 3.38 -16.55
CA ASP A 420 -16.67 3.68 -15.17
C ASP A 420 -15.40 3.80 -14.32
N LEU A 421 -14.54 2.79 -14.43
CA LEU A 421 -13.30 2.76 -13.66
C LEU A 421 -12.38 3.96 -13.90
N ALA A 422 -12.28 4.38 -15.16
CA ALA A 422 -11.42 5.52 -15.50
C ALA A 422 -11.76 6.80 -14.76
N LYS A 423 -13.01 6.94 -14.34
CA LYS A 423 -13.45 8.13 -13.63
C LYS A 423 -12.97 8.13 -12.18
N MET A 424 -12.39 7.02 -11.74
CA MET A 424 -11.90 6.90 -10.38
C MET A 424 -10.90 8.02 -10.09
N THR A 425 -11.19 8.78 -9.02
CA THR A 425 -10.36 9.91 -8.61
C THR A 425 -10.21 9.70 -7.10
N ILE A 426 -9.05 9.20 -6.70
CA ILE A 426 -8.75 8.83 -5.32
C ILE A 426 -8.11 9.86 -4.39
N HIS A 427 -8.60 9.88 -3.16
CA HIS A 427 -8.10 10.79 -2.11
C HIS A 427 -7.59 9.86 -1.00
N GLU A 428 -6.27 9.65 -0.98
CA GLU A 428 -5.63 8.76 -0.01
C GLU A 428 -5.56 9.41 1.36
N SER A 429 -6.33 8.87 2.31
CA SER A 429 -6.41 9.44 3.64
C SER A 429 -6.01 8.52 4.79
N HIS A 430 -5.82 9.13 5.96
CA HIS A 430 -5.43 8.43 7.18
C HIS A 430 -6.38 8.89 8.30
N ILE A 431 -6.84 7.95 9.11
CA ILE A 431 -7.79 8.29 10.18
C ILE A 431 -7.34 9.43 11.09
N ARG A 432 -6.09 9.45 11.52
CA ARG A 432 -5.64 10.56 12.37
C ARG A 432 -5.35 11.82 11.56
N ASP A 433 -4.74 11.66 10.39
CA ASP A 433 -4.44 12.83 9.55
C ASP A 433 -5.70 13.63 9.27
N LEU A 434 -6.83 12.94 9.17
CA LEU A 434 -8.08 13.62 8.89
C LEU A 434 -8.60 14.49 10.03
N SER A 435 -8.70 13.92 11.23
CA SER A 435 -9.29 14.66 12.34
C SER A 435 -8.49 14.94 13.61
N ALA A 436 -7.22 14.56 13.66
CA ALA A 436 -6.44 14.78 14.87
C ALA A 436 -6.33 16.24 15.27
N TRP A 437 -6.32 17.14 14.28
CA TRP A 437 -6.19 18.57 14.54
C TRP A 437 -7.46 19.40 14.41
N ASP A 438 -8.54 18.77 13.96
CA ASP A 438 -9.78 19.50 13.76
C ASP A 438 -10.54 19.78 15.05
N GLN A 439 -10.47 21.03 15.51
CA GLN A 439 -11.15 21.44 16.72
C GLN A 439 -12.67 21.48 16.52
N THR A 440 -13.12 21.46 15.27
CA THR A 440 -14.56 21.49 15.00
C THR A 440 -15.15 20.08 15.01
N VAL A 441 -14.28 19.10 15.18
CA VAL A 441 -14.73 17.72 15.29
C VAL A 441 -14.84 17.48 16.80
N PRO A 442 -15.95 16.90 17.26
CA PRO A 442 -16.09 16.65 18.69
C PRO A 442 -14.82 15.99 19.23
N ALA A 443 -14.35 16.46 20.38
CA ALA A 443 -13.13 15.96 20.98
C ALA A 443 -13.01 14.43 21.06
N GLU A 444 -14.07 13.76 21.49
CA GLU A 444 -14.00 12.30 21.62
C GLU A 444 -13.95 11.56 20.28
N LEU A 445 -14.15 12.27 19.18
CA LEU A 445 -14.12 11.62 17.87
C LEU A 445 -12.86 11.93 17.08
N ARG A 446 -12.00 12.78 17.63
CA ARG A 446 -10.77 13.13 16.92
C ARG A 446 -9.86 11.91 16.82
N GLY A 447 -9.46 11.60 15.59
CA GLY A 447 -8.59 10.46 15.37
C GLY A 447 -9.36 9.14 15.36
N LYS A 448 -10.67 9.23 15.22
CA LYS A 448 -11.54 8.05 15.22
C LYS A 448 -12.32 7.88 13.91
N TYR A 449 -12.78 6.66 13.65
CA TYR A 449 -13.58 6.38 12.47
C TYR A 449 -14.80 7.31 12.43
N LEU A 450 -15.43 7.50 13.59
CA LEU A 450 -16.64 8.31 13.66
C LEU A 450 -16.49 9.80 13.37
N ALA A 451 -15.26 10.28 13.25
CA ALA A 451 -15.06 11.69 12.94
C ALA A 451 -15.71 11.95 11.58
N LEU A 452 -15.76 10.94 10.74
CA LEU A 452 -16.38 11.09 9.41
C LEU A 452 -17.86 11.39 9.49
N THR A 453 -18.46 11.23 10.67
CA THR A 453 -19.88 11.50 10.83
C THR A 453 -20.18 12.91 11.35
N ALA A 454 -19.14 13.66 11.68
CA ALA A 454 -19.31 15.04 12.18
C ALA A 454 -19.55 15.97 10.99
N GLN A 455 -20.79 15.98 10.51
CA GLN A 455 -21.16 16.78 9.35
C GLN A 455 -20.88 18.27 9.48
N GLU A 456 -20.81 18.76 10.71
CA GLU A 456 -20.57 20.18 10.96
C GLU A 456 -19.09 20.57 10.99
N SER A 457 -18.19 19.59 11.03
CA SER A 457 -16.76 19.88 11.10
C SER A 457 -16.15 20.41 9.80
N ASN A 458 -15.03 21.12 9.95
CA ASN A 458 -14.30 21.67 8.81
C ASN A 458 -13.85 20.51 7.93
N MET A 459 -13.35 19.45 8.55
CA MET A 459 -12.87 18.29 7.80
C MET A 459 -13.95 17.63 6.96
N VAL A 460 -15.08 17.30 7.56
CA VAL A 460 -16.14 16.65 6.80
C VAL A 460 -16.70 17.55 5.72
N GLN A 461 -16.91 18.83 6.02
CA GLN A 461 -17.44 19.75 5.03
C GLN A 461 -16.46 19.87 3.86
N HIS A 462 -15.17 19.81 4.18
CA HIS A 462 -14.13 19.89 3.17
C HIS A 462 -14.22 18.70 2.23
N LEU A 463 -14.31 17.49 2.80
CA LEU A 463 -14.41 16.28 1.99
C LEU A 463 -15.72 16.28 1.17
N LYS A 464 -16.79 16.78 1.77
CA LYS A 464 -18.07 16.85 1.09
C LYS A 464 -17.93 17.69 -0.18
N GLN A 465 -17.24 18.82 -0.06
CA GLN A 465 -17.04 19.69 -1.20
C GLN A 465 -16.12 19.05 -2.23
N LEU A 466 -15.11 18.32 -1.79
CA LEU A 466 -14.21 17.65 -2.72
C LEU A 466 -15.00 16.63 -3.52
N SER A 467 -15.87 15.88 -2.83
CA SER A 467 -16.70 14.89 -3.51
C SER A 467 -17.61 15.55 -4.53
N ALA A 468 -18.23 16.66 -4.13
CA ALA A 468 -19.13 17.38 -5.02
C ALA A 468 -18.38 17.86 -6.26
N SER A 469 -17.10 18.18 -6.09
CA SER A 469 -16.27 18.69 -7.18
C SER A 469 -15.60 17.63 -8.05
N GLY A 470 -15.71 16.35 -7.69
CA GLY A 470 -15.10 15.34 -8.53
C GLY A 470 -14.24 14.27 -7.90
N VAL A 471 -13.95 14.36 -6.60
CA VAL A 471 -13.17 13.29 -5.97
C VAL A 471 -14.21 12.19 -5.80
N THR A 472 -13.89 10.99 -6.24
CA THR A 472 -14.86 9.89 -6.18
C THR A 472 -14.60 8.79 -5.17
N HIS A 473 -13.33 8.61 -4.79
CA HIS A 473 -12.97 7.54 -3.85
C HIS A 473 -12.10 8.01 -2.70
N ILE A 474 -12.34 7.42 -1.53
CA ILE A 474 -11.50 7.70 -0.36
C ILE A 474 -10.71 6.40 -0.20
N GLU A 475 -9.39 6.49 -0.19
CA GLU A 475 -8.57 5.30 0.03
C GLU A 475 -8.02 5.43 1.44
N LEU A 476 -8.27 4.42 2.26
CA LEU A 476 -7.83 4.43 3.64
C LEU A 476 -6.54 3.70 3.94
N LEU A 477 -5.60 4.41 4.58
CA LEU A 477 -4.36 3.80 4.98
C LEU A 477 -4.84 2.75 5.99
N PRO A 478 -4.01 1.73 6.26
CA PRO A 478 -4.34 0.64 7.19
C PRO A 478 -5.42 0.82 8.25
N VAL A 479 -6.57 0.19 8.04
CA VAL A 479 -7.65 0.23 9.03
C VAL A 479 -7.96 -1.18 9.50
N PHE A 480 -7.11 -2.13 9.11
CA PHE A 480 -7.25 -3.50 9.60
C PHE A 480 -6.45 -3.42 10.89
N ASP A 481 -6.39 -4.50 11.66
CA ASP A 481 -5.69 -4.46 12.94
C ASP A 481 -4.17 -4.35 12.85
N LEU A 482 -3.66 -3.14 13.03
CA LEU A 482 -2.22 -2.89 13.01
C LEU A 482 -1.69 -3.13 14.42
N ALA A 483 -0.37 -3.29 14.55
CA ALA A 483 0.22 -3.59 15.85
C ALA A 483 0.97 -2.45 16.51
N THR A 484 1.37 -1.47 15.72
CA THR A 484 2.19 -0.37 16.21
C THR A 484 1.59 0.80 17.00
N VAL A 485 0.38 0.62 17.51
CA VAL A 485 -0.25 1.63 18.35
C VAL A 485 -0.86 0.84 19.51
N ASN A 486 -0.54 1.23 20.74
CA ASN A 486 -1.10 0.53 21.90
C ASN A 486 -2.56 0.92 22.03
N GLU A 487 -3.45 -0.06 22.07
CA GLU A 487 -4.87 0.24 22.18
C GLU A 487 -5.35 0.50 23.61
N PHE A 488 -4.47 0.30 24.59
CA PHE A 488 -4.83 0.59 25.98
C PHE A 488 -4.53 2.08 26.17
N SER A 489 -5.58 2.89 26.25
CA SER A 489 -5.45 4.34 26.38
C SER A 489 -4.54 4.85 27.49
N ASP A 490 -4.51 4.15 28.62
CA ASP A 490 -3.68 4.58 29.74
C ASP A 490 -2.19 4.46 29.44
N LYS A 491 -1.84 3.71 28.39
CA LYS A 491 -0.45 3.50 28.02
C LYS A 491 -0.04 4.45 26.90
N VAL A 492 -0.95 5.33 26.52
CA VAL A 492 -0.71 6.26 25.43
C VAL A 492 -0.77 7.73 25.83
N ALA A 493 0.07 8.55 25.18
CA ALA A 493 0.09 9.98 25.42
C ALA A 493 0.21 10.68 24.07
N ASP A 494 -0.68 11.64 23.82
CA ASP A 494 -0.65 12.37 22.57
C ASP A 494 -0.25 13.82 22.81
N ILE A 495 0.17 14.52 21.76
CA ILE A 495 0.64 15.89 21.92
C ILE A 495 -0.35 16.91 22.47
N GLN A 496 -1.64 16.61 22.38
CA GLN A 496 -2.66 17.53 22.89
C GLN A 496 -2.80 17.41 24.41
N GLN A 497 -2.14 16.41 24.99
CA GLN A 497 -2.22 16.17 26.42
C GLN A 497 -1.02 16.71 27.19
N PRO A 498 -1.15 16.82 28.53
CA PRO A 498 -0.07 17.32 29.38
C PRO A 498 1.26 16.60 29.21
N PHE A 499 2.35 17.37 29.30
CA PHE A 499 3.67 16.78 29.18
C PHE A 499 3.84 15.79 30.33
N SER A 500 3.17 16.08 31.45
CA SER A 500 3.26 15.19 32.61
C SER A 500 2.77 13.81 32.24
N ARG A 501 1.73 13.74 31.41
CA ARG A 501 1.22 12.45 30.99
C ARG A 501 2.29 11.73 30.17
N LEU A 502 2.92 12.46 29.26
CA LEU A 502 3.96 11.86 28.42
C LEU A 502 5.04 11.23 29.29
N CYS A 503 5.48 11.95 30.33
CA CYS A 503 6.53 11.42 31.20
C CYS A 503 6.10 10.16 31.95
N GLU A 504 4.84 10.09 32.33
CA GLU A 504 4.38 8.91 33.06
C GLU A 504 4.25 7.66 32.20
N VAL A 505 4.01 7.82 30.90
CA VAL A 505 3.89 6.63 30.04
C VAL A 505 5.13 6.37 29.21
N ASN A 506 6.03 7.33 29.15
CA ASN A 506 7.25 7.19 28.35
C ASN A 506 8.48 7.44 29.20
N SER A 507 9.13 6.36 29.63
CA SER A 507 10.32 6.47 30.47
C SER A 507 11.51 7.06 29.72
N ALA A 508 11.51 6.95 28.39
CA ALA A 508 12.60 7.49 27.59
C ALA A 508 12.57 9.03 27.66
N VAL A 509 11.37 9.60 27.69
CA VAL A 509 11.24 11.05 27.78
C VAL A 509 11.67 11.50 29.18
N LYS A 510 11.25 10.75 30.19
CA LYS A 510 11.58 11.08 31.57
C LYS A 510 13.08 11.02 31.86
N SER A 511 13.84 10.31 31.02
CA SER A 511 15.28 10.21 31.22
C SER A 511 16.05 11.02 30.18
N SER A 512 15.32 11.79 29.38
CA SER A 512 15.91 12.61 28.33
C SER A 512 16.24 14.03 28.77
N GLU A 513 16.77 14.80 27.82
CA GLU A 513 17.12 16.19 28.05
C GLU A 513 15.84 17.01 28.24
N PHE A 514 14.69 16.40 27.98
CA PHE A 514 13.42 17.11 28.11
C PHE A 514 12.70 16.83 29.43
N ALA A 515 13.35 16.08 30.31
CA ALA A 515 12.75 15.72 31.60
C ALA A 515 12.29 16.93 32.40
N GLY A 516 12.95 18.07 32.18
CA GLY A 516 12.58 19.28 32.90
C GLY A 516 11.16 19.74 32.64
N TYR A 517 10.56 19.28 31.55
CA TYR A 517 9.19 19.66 31.22
C TYR A 517 8.14 18.78 31.89
N CYS A 518 8.59 17.67 32.48
CA CYS A 518 7.68 16.74 33.14
C CYS A 518 6.72 17.34 34.15
N ASP A 519 7.23 18.16 35.05
CA ASP A 519 6.35 18.75 36.05
C ASP A 519 5.94 20.17 35.68
N SER A 520 5.96 20.48 34.39
CA SER A 520 5.55 21.79 33.92
C SER A 520 4.04 21.68 33.72
N GLY A 521 3.40 22.79 33.37
CA GLY A 521 1.97 22.75 33.16
C GLY A 521 1.65 22.81 31.68
N SER A 522 2.65 22.56 30.85
CA SER A 522 2.47 22.62 29.40
C SER A 522 2.06 21.29 28.77
N THR A 523 1.37 21.38 27.64
CA THR A 523 0.98 20.20 26.90
C THR A 523 2.17 19.94 25.99
N VAL A 524 2.26 18.73 25.45
CA VAL A 524 3.37 18.39 24.57
C VAL A 524 3.44 19.31 23.35
N GLU A 525 2.30 19.60 22.73
CA GLU A 525 2.30 20.46 21.56
C GLU A 525 2.71 21.90 21.89
N GLU A 526 2.44 22.34 23.11
CA GLU A 526 2.83 23.69 23.49
C GLU A 526 4.34 23.75 23.59
N VAL A 527 4.95 22.65 24.04
CA VAL A 527 6.40 22.59 24.17
C VAL A 527 7.03 22.54 22.79
N LEU A 528 6.48 21.70 21.92
CA LEU A 528 6.97 21.57 20.55
C LEU A 528 6.89 22.92 19.84
N THR A 529 5.80 23.65 20.09
CA THR A 529 5.61 24.96 19.48
C THR A 529 6.69 25.93 19.93
N GLN A 530 7.01 25.94 21.22
CA GLN A 530 8.05 26.84 21.73
C GLN A 530 9.45 26.46 21.23
N LEU A 531 9.66 25.19 20.92
CA LEU A 531 10.97 24.74 20.44
C LEU A 531 11.24 25.13 18.99
N LYS A 532 10.21 25.58 18.28
CA LYS A 532 10.35 25.96 16.88
C LYS A 532 11.33 27.11 16.59
N GLN A 533 11.26 28.19 17.35
CA GLN A 533 12.14 29.32 17.08
C GLN A 533 13.64 29.00 17.06
N ASN A 534 14.10 28.20 18.01
CA ASN A 534 15.52 27.87 18.07
C ASN A 534 15.86 26.55 17.37
N ASP A 535 14.90 26.01 16.61
CA ASP A 535 15.11 24.75 15.89
C ASP A 535 15.83 25.03 14.58
N SER A 536 16.81 24.21 14.25
CA SER A 536 17.56 24.37 13.01
C SER A 536 18.36 23.10 12.72
N LYS A 537 19.08 23.09 11.61
CA LYS A 537 19.88 21.94 11.25
C LYS A 537 20.93 21.64 12.32
N ASP A 538 21.37 22.68 13.03
CA ASP A 538 22.38 22.52 14.07
C ASP A 538 21.75 22.19 15.42
N ASN A 539 20.44 22.37 15.51
CA ASN A 539 19.72 22.07 16.74
C ASN A 539 18.30 21.62 16.42
N PRO A 540 18.17 20.41 15.87
CA PRO A 540 16.87 19.84 15.51
C PRO A 540 16.13 19.33 16.74
N GLN A 541 15.78 20.25 17.62
CA GLN A 541 15.10 19.91 18.87
C GLN A 541 13.63 19.50 18.72
N VAL A 542 12.94 20.02 17.72
CA VAL A 542 11.54 19.66 17.54
C VAL A 542 11.45 18.15 17.28
N GLN A 543 12.19 17.67 16.28
CA GLN A 543 12.17 16.25 15.95
C GLN A 543 12.79 15.44 17.08
N ALA A 544 13.75 16.03 17.80
CA ALA A 544 14.39 15.32 18.91
C ALA A 544 13.33 14.90 19.92
N LEU A 545 12.45 15.83 20.28
CA LEU A 545 11.38 15.53 21.23
C LEU A 545 10.33 14.65 20.60
N ASN A 546 9.95 14.97 19.36
CA ASN A 546 8.93 14.20 18.67
C ASN A 546 9.30 12.74 18.49
N THR A 547 10.57 12.47 18.23
CA THR A 547 11.03 11.09 18.05
C THR A 547 10.70 10.26 19.30
N LEU A 548 10.76 10.90 20.46
CA LEU A 548 10.45 10.22 21.73
C LEU A 548 8.93 10.10 21.88
N VAL A 549 8.23 11.15 21.49
CA VAL A 549 6.77 11.17 21.57
C VAL A 549 6.17 10.06 20.71
N ALA A 550 6.79 9.84 19.54
CA ALA A 550 6.32 8.83 18.60
C ALA A 550 6.22 7.41 19.16
N GLN A 551 7.04 7.10 20.15
CA GLN A 551 7.09 5.77 20.75
C GLN A 551 5.82 5.39 21.51
N THR A 552 5.13 6.39 22.05
CA THR A 552 3.95 6.12 22.85
C THR A 552 2.70 6.92 22.49
N ASP A 553 2.63 7.43 21.27
CA ASP A 553 1.45 8.18 20.86
C ASP A 553 0.45 7.28 20.13
N SER A 554 -0.61 7.88 19.59
CA SER A 554 -1.64 7.10 18.89
C SER A 554 -1.38 7.08 17.39
N TYR A 555 -0.21 7.55 16.97
CA TYR A 555 0.09 7.64 15.55
C TYR A 555 1.02 6.64 14.87
N ASN A 556 0.59 6.18 13.70
CA ASN A 556 1.34 5.29 12.84
C ASN A 556 0.52 5.02 11.59
N TRP A 557 1.19 4.93 10.43
CA TRP A 557 0.46 4.62 9.21
C TRP A 557 -0.24 3.28 9.37
N GLY A 558 0.43 2.35 10.05
CA GLY A 558 -0.15 1.04 10.29
C GLY A 558 0.18 -0.10 9.34
N TYR A 559 1.25 0.03 8.56
CA TYR A 559 1.62 -1.05 7.64
C TYR A 559 2.31 -2.14 8.45
N ASP A 560 1.65 -2.53 9.55
CA ASP A 560 2.16 -3.52 10.50
C ASP A 560 1.02 -4.45 10.88
N PRO A 561 0.70 -5.42 10.02
CA PRO A 561 -0.38 -6.38 10.25
C PRO A 561 -0.30 -7.24 11.52
N PHE A 562 -1.35 -7.17 12.34
CA PHE A 562 -1.43 -7.97 13.56
C PHE A 562 -2.50 -9.03 13.24
N HIS A 563 -3.66 -8.58 12.75
CA HIS A 563 -4.76 -9.45 12.34
C HIS A 563 -5.31 -8.83 11.07
N TYR A 564 -5.35 -9.63 10.01
CA TYR A 564 -5.81 -9.15 8.71
C TYR A 564 -7.29 -8.89 8.52
N THR A 565 -8.13 -9.44 9.38
CA THR A 565 -9.55 -9.30 9.14
C THR A 565 -10.40 -8.77 10.30
N VAL A 566 -9.82 -7.83 11.04
CA VAL A 566 -10.50 -7.17 12.15
C VAL A 566 -10.15 -5.69 12.03
N PRO A 567 -11.12 -4.80 12.26
CA PRO A 567 -10.80 -3.38 12.16
C PRO A 567 -9.81 -2.98 13.24
N GLU A 568 -9.06 -1.90 13.00
CA GLU A 568 -8.10 -1.40 13.98
C GLU A 568 -8.88 -0.92 15.20
N GLY A 569 -8.35 -1.20 16.39
CA GLY A 569 -9.02 -0.81 17.63
C GLY A 569 -8.82 0.61 18.10
N SER A 570 -7.62 1.16 17.90
CA SER A 570 -7.34 2.52 18.34
C SER A 570 -8.19 3.58 17.65
N TYR A 571 -8.77 3.24 16.50
CA TYR A 571 -9.59 4.20 15.77
C TYR A 571 -11.06 4.12 16.20
N ALA A 572 -11.36 3.24 17.14
CA ALA A 572 -12.72 3.10 17.65
C ALA A 572 -12.75 3.82 19.00
N THR A 573 -13.93 4.26 19.43
CA THR A 573 -14.03 4.94 20.71
C THR A 573 -13.88 3.93 21.85
N ASP A 574 -14.20 2.67 21.57
CA ASP A 574 -14.08 1.59 22.54
C ASP A 574 -13.46 0.39 21.84
N PRO A 575 -12.18 0.12 22.10
CA PRO A 575 -11.45 -1.00 21.49
C PRO A 575 -11.69 -2.37 22.12
N GLU A 576 -12.55 -2.43 23.12
CA GLU A 576 -12.84 -3.69 23.78
C GLU A 576 -14.01 -4.44 23.13
N GLY A 577 -13.71 -5.53 22.44
CA GLY A 577 -14.78 -6.31 21.84
C GLY A 577 -15.32 -5.86 20.49
N THR A 578 -16.59 -6.19 20.26
CA THR A 578 -17.28 -5.89 19.02
C THR A 578 -17.60 -4.44 18.68
N ALA A 579 -17.56 -3.57 19.68
CA ALA A 579 -17.87 -2.16 19.48
C ALA A 579 -17.28 -1.52 18.22
N ARG A 580 -16.01 -1.79 17.94
CA ARG A 580 -15.35 -1.20 16.78
C ARG A 580 -15.97 -1.59 15.44
N ILE A 581 -16.61 -2.75 15.38
CA ILE A 581 -17.22 -3.22 14.14
C ILE A 581 -18.31 -2.29 13.62
N LYS A 582 -19.25 -1.90 14.48
CA LYS A 582 -20.32 -1.02 14.08
C LYS A 582 -19.80 0.40 13.78
N GLU A 583 -18.84 0.88 14.56
CA GLU A 583 -18.32 2.22 14.32
C GLU A 583 -17.62 2.27 12.97
N PHE A 584 -16.87 1.23 12.63
CA PHE A 584 -16.18 1.16 11.34
C PHE A 584 -17.22 1.19 10.22
N ARG A 585 -18.27 0.39 10.38
CA ARG A 585 -19.34 0.34 9.39
C ARG A 585 -20.05 1.69 9.29
N THR A 586 -20.23 2.36 10.43
CA THR A 586 -20.89 3.66 10.44
C THR A 586 -20.07 4.63 9.60
N MET A 587 -18.75 4.50 9.67
CA MET A 587 -17.86 5.36 8.90
C MET A 587 -18.00 5.07 7.40
N ILE A 588 -17.98 3.78 7.04
CA ILE A 588 -18.11 3.38 5.64
C ILE A 588 -19.42 3.93 5.10
N GLN A 589 -20.48 3.76 5.87
CA GLN A 589 -21.79 4.24 5.47
C GLN A 589 -21.79 5.75 5.27
N ALA A 590 -21.16 6.48 6.19
CA ALA A 590 -21.11 7.93 6.08
C ALA A 590 -20.36 8.37 4.82
N ILE A 591 -19.23 7.73 4.55
CA ILE A 591 -18.45 8.07 3.37
C ILE A 591 -19.25 7.87 2.09
N LYS A 592 -19.86 6.69 1.95
CA LYS A 592 -20.64 6.37 0.76
C LYS A 592 -21.96 7.11 0.64
N GLN A 593 -22.76 7.02 1.70
CA GLN A 593 -24.08 7.62 1.71
C GLN A 593 -24.11 9.14 1.84
N ASP A 594 -23.37 9.67 2.80
CA ASP A 594 -23.38 11.11 3.04
C ASP A 594 -22.32 11.93 2.32
N LEU A 595 -21.17 11.32 2.04
CA LEU A 595 -20.11 12.04 1.33
C LEU A 595 -20.10 11.66 -0.15
N GLY A 596 -20.84 10.62 -0.48
CA GLY A 596 -20.95 10.18 -1.87
C GLY A 596 -19.70 9.65 -2.54
N MET A 597 -18.80 9.04 -1.77
CA MET A 597 -17.57 8.50 -2.34
C MET A 597 -17.42 7.00 -2.06
N ASN A 598 -16.80 6.29 -3.00
CA ASN A 598 -16.55 4.86 -2.83
C ASN A 598 -15.37 4.75 -1.85
N VAL A 599 -15.17 3.56 -1.31
CA VAL A 599 -14.08 3.33 -0.35
C VAL A 599 -13.13 2.22 -0.79
N ILE A 600 -11.84 2.52 -0.72
CA ILE A 600 -10.78 1.58 -1.05
C ILE A 600 -9.97 1.35 0.22
N MET A 601 -9.58 0.12 0.47
CA MET A 601 -8.78 -0.20 1.64
C MET A 601 -7.37 -0.62 1.24
N ASP A 602 -6.38 -0.08 1.94
CA ASP A 602 -5.00 -0.47 1.71
C ASP A 602 -4.85 -1.77 2.47
N VAL A 603 -4.30 -2.80 1.82
CA VAL A 603 -4.10 -4.08 2.49
C VAL A 603 -2.62 -4.43 2.40
N VAL A 604 -2.13 -5.11 3.43
CA VAL A 604 -0.73 -5.44 3.55
C VAL A 604 -0.51 -6.93 3.84
N TYR A 605 -0.81 -7.77 2.85
CA TYR A 605 -0.66 -9.21 3.01
C TYR A 605 0.75 -9.67 2.66
N ASN A 606 1.59 -8.74 2.23
CA ASN A 606 2.97 -9.08 1.84
C ASN A 606 3.89 -9.38 3.02
N HIS A 607 3.48 -9.03 4.23
CA HIS A 607 4.30 -9.31 5.40
C HIS A 607 3.47 -9.27 6.68
N THR A 608 4.03 -9.80 7.74
CA THR A 608 3.39 -9.80 9.05
C THR A 608 4.25 -8.90 9.92
N ASN A 609 3.70 -8.41 11.02
CA ASN A 609 4.46 -7.53 11.91
C ASN A 609 5.65 -8.23 12.54
N ALA A 610 5.51 -9.53 12.79
CA ALA A 610 6.57 -10.30 13.40
C ALA A 610 6.37 -11.79 13.13
N ALA A 611 7.39 -12.57 13.45
CA ALA A 611 7.36 -14.01 13.28
C ALA A 611 8.11 -14.59 14.46
N GLY A 612 8.33 -15.91 14.45
CA GLY A 612 9.04 -16.52 15.56
C GLY A 612 8.11 -16.99 16.66
N PRO A 613 8.63 -17.73 17.65
CA PRO A 613 7.84 -18.25 18.76
C PRO A 613 7.72 -17.36 19.99
N THR A 614 8.28 -16.14 19.95
CA THR A 614 8.22 -15.27 21.12
C THR A 614 7.55 -13.91 20.99
N ASP A 615 7.65 -13.26 19.84
CA ASP A 615 7.05 -11.92 19.71
C ASP A 615 5.55 -11.90 19.96
N ARG A 616 5.11 -10.89 20.71
CA ARG A 616 3.70 -10.70 21.05
C ARG A 616 2.80 -10.70 19.82
N THR A 617 3.28 -10.10 18.74
CA THR A 617 2.48 -9.99 17.52
C THR A 617 2.67 -11.11 16.50
N SER A 618 3.48 -12.11 16.84
CA SER A 618 3.69 -13.22 15.94
C SER A 618 2.49 -14.16 16.13
N VAL A 619 1.61 -14.21 15.14
CA VAL A 619 0.43 -15.07 15.22
C VAL A 619 0.57 -16.26 14.30
N LEU A 620 0.60 -15.98 13.00
CA LEU A 620 0.71 -17.04 12.00
C LEU A 620 1.94 -17.93 12.19
N ASP A 621 3.10 -17.33 12.45
CA ASP A 621 4.31 -18.14 12.60
C ASP A 621 4.40 -18.92 13.90
N LYS A 622 3.45 -18.69 14.81
CA LYS A 622 3.42 -19.45 16.05
C LYS A 622 2.56 -20.69 15.84
N ILE A 623 1.48 -20.54 15.08
CA ILE A 623 0.55 -21.63 14.83
C ILE A 623 1.04 -22.67 13.82
N VAL A 624 1.66 -22.21 12.73
CA VAL A 624 2.23 -23.12 11.74
C VAL A 624 3.60 -22.53 11.43
N PRO A 625 4.59 -22.81 12.29
CA PRO A 625 5.95 -22.30 12.10
C PRO A 625 6.55 -22.56 10.72
N TRP A 626 7.25 -21.55 10.22
CA TRP A 626 7.95 -21.61 8.94
C TRP A 626 7.09 -21.83 7.70
N TYR A 627 5.77 -21.69 7.84
CA TYR A 627 4.89 -21.89 6.69
C TYR A 627 4.36 -20.59 6.06
N TYR A 628 3.85 -19.70 6.89
CA TYR A 628 3.28 -18.44 6.40
C TYR A 628 4.30 -17.37 6.03
N GLN A 629 5.56 -17.59 6.41
CA GLN A 629 6.62 -16.63 6.11
C GLN A 629 7.55 -17.15 5.02
N ARG A 630 8.12 -16.24 4.24
CA ARG A 630 9.06 -16.64 3.19
C ARG A 630 10.43 -16.70 3.87
N LEU A 631 11.15 -17.78 3.66
CA LEU A 631 12.45 -17.96 4.30
C LEU A 631 13.63 -17.99 3.34
N ASN A 632 14.81 -17.69 3.87
CA ASN A 632 16.05 -17.73 3.10
C ASN A 632 16.29 -19.22 2.83
N GLU A 633 16.62 -19.56 1.59
CA GLU A 633 16.84 -20.95 1.21
C GLU A 633 17.91 -21.70 2.00
N THR A 634 18.86 -20.99 2.59
CA THR A 634 19.94 -21.63 3.32
C THR A 634 19.84 -21.60 4.85
N THR A 635 19.44 -20.45 5.40
CA THR A 635 19.35 -20.31 6.85
C THR A 635 17.99 -20.55 7.48
N GLY A 636 16.93 -20.45 6.68
CA GLY A 636 15.59 -20.63 7.21
C GLY A 636 15.13 -19.36 7.91
N SER A 637 15.97 -18.34 7.90
CA SER A 637 15.63 -17.07 8.53
C SER A 637 14.49 -16.40 7.78
N VAL A 638 13.57 -15.78 8.50
CA VAL A 638 12.46 -15.09 7.85
C VAL A 638 13.02 -13.87 7.13
N GLU A 639 12.77 -13.78 5.84
CA GLU A 639 13.27 -12.67 5.04
C GLU A 639 12.61 -11.35 5.41
N SER A 640 13.29 -10.24 5.12
CA SER A 640 12.77 -8.92 5.46
C SER A 640 12.82 -7.89 4.35
N ALA A 641 12.74 -8.35 3.09
CA ALA A 641 12.78 -7.45 1.94
C ALA A 641 11.64 -6.43 1.96
N THR A 642 10.51 -6.81 2.53
CA THR A 642 9.36 -5.91 2.60
C THR A 642 9.60 -4.81 3.63
N CYS A 643 10.46 -5.12 4.60
CA CYS A 643 10.81 -4.22 5.70
C CYS A 643 10.86 -5.02 6.96
N CYS A 644 9.89 -5.91 7.03
CA CYS A 644 9.63 -6.67 8.21
C CYS A 644 9.69 -8.20 8.11
N SER A 645 8.57 -8.88 8.36
CA SER A 645 8.56 -10.34 8.28
C SER A 645 7.83 -10.78 7.02
N ASP A 646 8.59 -10.98 5.94
CA ASP A 646 8.01 -11.36 4.65
C ASP A 646 7.10 -12.58 4.72
N SER A 647 5.92 -12.47 4.09
CA SER A 647 4.95 -13.56 4.06
C SER A 647 5.16 -14.36 2.78
N ALA A 648 4.48 -15.51 2.70
CA ALA A 648 4.62 -16.37 1.52
C ALA A 648 3.28 -16.61 0.83
N PRO A 649 2.79 -15.62 0.06
CA PRO A 649 1.52 -15.72 -0.67
C PRO A 649 1.54 -16.90 -1.65
N GLU A 650 2.73 -17.38 -1.96
CA GLU A 650 2.86 -18.49 -2.89
C GLU A 650 2.46 -19.81 -2.26
N HIS A 651 2.30 -19.83 -0.94
CA HIS A 651 1.89 -21.03 -0.23
C HIS A 651 0.37 -21.07 -0.21
N ARG A 652 -0.20 -22.20 -0.63
CA ARG A 652 -1.64 -22.39 -0.74
C ARG A 652 -2.55 -21.91 0.39
N MET A 653 -2.20 -22.24 1.64
CA MET A 653 -3.06 -21.84 2.74
C MET A 653 -2.97 -20.35 3.08
N PHE A 654 -1.89 -19.69 2.71
CA PHE A 654 -1.82 -18.27 2.98
C PHE A 654 -2.62 -17.57 1.89
N ALA A 655 -2.52 -18.09 0.67
CA ALA A 655 -3.27 -17.52 -0.44
C ALA A 655 -4.75 -17.60 -0.06
N LYS A 656 -5.16 -18.72 0.53
CA LYS A 656 -6.54 -18.89 0.95
C LYS A 656 -6.90 -17.90 2.07
N LEU A 657 -5.98 -17.71 3.01
CA LEU A 657 -6.24 -16.78 4.10
C LEU A 657 -6.50 -15.40 3.52
N ILE A 658 -5.67 -15.00 2.56
CA ILE A 658 -5.81 -13.71 1.92
C ILE A 658 -7.18 -13.58 1.24
N ALA A 659 -7.52 -14.56 0.42
CA ALA A 659 -8.79 -14.53 -0.31
C ALA A 659 -9.99 -14.52 0.65
N ASP A 660 -9.92 -15.32 1.70
CA ASP A 660 -11.01 -15.38 2.67
C ASP A 660 -11.11 -14.04 3.41
N SER A 661 -9.97 -13.43 3.67
CA SER A 661 -9.92 -12.14 4.36
C SER A 661 -10.59 -11.07 3.50
N LEU A 662 -10.18 -10.99 2.24
CA LEU A 662 -10.74 -10.02 1.30
C LEU A 662 -12.24 -10.24 1.17
N ALA A 663 -12.67 -11.49 1.24
CA ALA A 663 -14.09 -11.80 1.13
C ALA A 663 -14.89 -11.15 2.26
N VAL A 664 -14.32 -11.14 3.46
CA VAL A 664 -15.01 -10.52 4.59
C VAL A 664 -15.07 -8.99 4.44
N TRP A 665 -13.95 -8.37 4.07
CA TRP A 665 -13.97 -6.92 3.88
C TRP A 665 -14.95 -6.51 2.79
N THR A 666 -15.04 -7.33 1.75
CA THR A 666 -15.93 -7.07 0.63
C THR A 666 -17.39 -7.20 1.04
N THR A 667 -17.75 -8.41 1.48
CA THR A 667 -19.13 -8.70 1.88
C THR A 667 -19.62 -8.07 3.17
N ASP A 668 -18.84 -8.22 4.24
CA ASP A 668 -19.26 -7.69 5.54
C ASP A 668 -18.99 -6.21 5.80
N TYR A 669 -18.01 -5.63 5.12
CA TYR A 669 -17.71 -4.22 5.32
C TYR A 669 -17.96 -3.36 4.08
N LYS A 670 -18.48 -4.00 3.03
CA LYS A 670 -18.79 -3.33 1.77
C LYS A 670 -17.70 -2.41 1.24
N ILE A 671 -16.48 -2.92 1.17
CA ILE A 671 -15.36 -2.16 0.63
C ILE A 671 -15.46 -2.29 -0.90
N ASP A 672 -15.22 -1.19 -1.61
CA ASP A 672 -15.33 -1.18 -3.06
C ASP A 672 -14.07 -1.56 -3.84
N GLY A 673 -12.91 -1.44 -3.21
CA GLY A 673 -11.68 -1.78 -3.90
C GLY A 673 -10.55 -2.01 -2.91
N PHE A 674 -9.51 -2.69 -3.36
CA PHE A 674 -8.37 -2.97 -2.51
C PHE A 674 -7.07 -2.60 -3.19
N ARG A 675 -6.20 -1.94 -2.43
CA ARG A 675 -4.90 -1.53 -2.93
C ARG A 675 -3.87 -2.38 -2.20
N PHE A 676 -3.19 -3.26 -2.94
CA PHE A 676 -2.20 -4.14 -2.34
C PHE A 676 -0.84 -3.47 -2.16
N ASP A 677 -0.38 -3.42 -0.92
CA ASP A 677 0.92 -2.85 -0.60
C ASP A 677 1.95 -3.87 -1.12
N LEU A 678 3.03 -3.38 -1.73
CA LEU A 678 4.08 -4.25 -2.27
C LEU A 678 3.49 -5.48 -2.96
N MET A 679 2.58 -5.22 -3.89
CA MET A 679 1.91 -6.28 -4.63
C MET A 679 2.82 -7.20 -5.41
N LEU A 680 3.99 -6.70 -5.82
CA LEU A 680 4.90 -7.54 -6.60
C LEU A 680 5.57 -8.65 -5.77
N TYR A 681 5.34 -8.66 -4.47
CA TYR A 681 5.88 -9.73 -3.65
C TYR A 681 4.88 -10.88 -3.68
N HIS A 682 3.79 -10.69 -4.41
CA HIS A 682 2.75 -11.70 -4.56
C HIS A 682 2.83 -12.33 -5.94
N PRO A 683 2.48 -13.62 -6.05
CA PRO A 683 2.53 -14.25 -7.38
C PRO A 683 1.39 -13.68 -8.20
N LYS A 684 1.63 -13.43 -9.48
CA LYS A 684 0.60 -12.92 -10.37
C LYS A 684 -0.63 -13.83 -10.29
N ALA A 685 -0.39 -15.13 -10.31
CA ALA A 685 -1.47 -16.10 -10.25
C ALA A 685 -2.32 -16.00 -8.98
N GLN A 686 -1.67 -15.68 -7.86
CA GLN A 686 -2.37 -15.59 -6.58
C GLN A 686 -3.29 -14.36 -6.57
N ILE A 687 -2.79 -13.23 -7.07
CA ILE A 687 -3.60 -12.02 -7.11
C ILE A 687 -4.82 -12.24 -8.01
N LEU A 688 -4.58 -12.83 -9.18
CA LEU A 688 -5.66 -13.09 -10.12
C LEU A 688 -6.69 -14.05 -9.54
N SER A 689 -6.21 -15.10 -8.87
CA SER A 689 -7.11 -16.07 -8.25
C SER A 689 -7.99 -15.39 -7.20
N ALA A 690 -7.38 -14.55 -6.37
CA ALA A 690 -8.13 -13.84 -5.34
C ALA A 690 -9.19 -12.95 -5.99
N TRP A 691 -8.85 -12.32 -7.10
CA TRP A 691 -9.79 -11.44 -7.79
C TRP A 691 -10.97 -12.26 -8.34
N GLU A 692 -10.66 -13.43 -8.86
CA GLU A 692 -11.69 -14.32 -9.40
C GLU A 692 -12.67 -14.69 -8.28
N ARG A 693 -12.14 -14.95 -7.09
CA ARG A 693 -12.97 -15.31 -5.94
C ARG A 693 -13.82 -14.15 -5.46
N ILE A 694 -13.21 -12.97 -5.37
CA ILE A 694 -13.95 -11.80 -4.91
C ILE A 694 -14.99 -11.31 -5.91
N LYS A 695 -14.69 -11.44 -7.20
CA LYS A 695 -15.65 -11.00 -8.21
C LYS A 695 -16.94 -11.80 -8.11
N ALA A 696 -16.88 -12.96 -7.46
CA ALA A 696 -18.07 -13.80 -7.29
C ALA A 696 -18.96 -13.18 -6.22
N LEU A 697 -18.35 -12.39 -5.33
CA LEU A 697 -19.07 -11.72 -4.25
C LEU A 697 -19.51 -10.32 -4.68
N ASN A 698 -18.59 -9.61 -5.33
CA ASN A 698 -18.86 -8.26 -5.83
C ASN A 698 -18.22 -8.26 -7.22
N PRO A 699 -19.04 -8.42 -8.27
CA PRO A 699 -18.52 -8.45 -9.64
C PRO A 699 -17.78 -7.20 -10.11
N ASP A 700 -17.96 -6.09 -9.40
CA ASP A 700 -17.33 -4.84 -9.79
C ASP A 700 -16.17 -4.41 -8.89
N ILE A 701 -15.71 -5.31 -8.03
CA ILE A 701 -14.60 -4.99 -7.13
C ILE A 701 -13.38 -4.63 -7.98
N TYR A 702 -12.58 -3.68 -7.50
CA TYR A 702 -11.38 -3.27 -8.22
C TYR A 702 -10.12 -3.58 -7.40
N PHE A 703 -9.14 -4.22 -8.05
CA PHE A 703 -7.88 -4.57 -7.41
C PHE A 703 -6.75 -3.79 -8.08
N PHE A 704 -5.84 -3.26 -7.30
CA PHE A 704 -4.68 -2.57 -7.85
C PHE A 704 -3.60 -2.56 -6.77
N GLY A 705 -2.36 -2.24 -7.15
CA GLY A 705 -1.31 -2.24 -6.15
C GLY A 705 -0.04 -1.56 -6.62
N GLU A 706 0.99 -1.63 -5.80
CA GLU A 706 2.27 -1.00 -6.10
C GLU A 706 3.46 -1.80 -5.57
N GLY A 707 4.67 -1.29 -5.82
CA GLY A 707 5.88 -1.94 -5.35
C GLY A 707 7.04 -1.55 -6.26
N TRP A 708 7.37 -2.45 -7.19
CA TRP A 708 8.42 -2.25 -8.18
C TRP A 708 9.86 -2.58 -7.78
N ASP A 709 10.07 -3.06 -6.55
CA ASP A 709 11.42 -3.41 -6.10
C ASP A 709 11.56 -4.93 -6.11
N SER A 710 10.58 -5.58 -6.71
CA SER A 710 10.47 -7.03 -6.85
C SER A 710 11.53 -7.91 -6.20
N ASN A 711 12.21 -8.69 -7.03
CA ASN A 711 13.28 -9.60 -6.63
C ASN A 711 12.81 -11.04 -6.39
N GLN A 712 11.51 -11.29 -6.47
CA GLN A 712 10.99 -12.64 -6.24
C GLN A 712 10.74 -13.41 -7.54
N SER A 713 11.11 -12.84 -8.67
CA SER A 713 10.91 -13.50 -9.96
C SER A 713 11.53 -14.88 -10.09
N ASP A 714 12.53 -15.18 -9.26
CA ASP A 714 13.17 -16.47 -9.31
C ASP A 714 12.30 -17.55 -8.68
N ARG A 715 11.36 -17.13 -7.84
CA ARG A 715 10.47 -18.07 -7.16
C ARG A 715 9.13 -18.29 -7.87
N PHE A 716 8.65 -17.26 -8.55
CA PHE A 716 7.36 -17.33 -9.24
C PHE A 716 7.18 -16.09 -10.12
N GLU A 717 6.20 -16.12 -11.02
CA GLU A 717 5.94 -14.95 -11.86
C GLU A 717 5.27 -13.93 -10.95
N ILE A 718 5.93 -12.80 -10.73
CA ILE A 718 5.42 -11.77 -9.84
C ILE A 718 4.31 -10.89 -10.42
N ALA A 719 3.52 -10.29 -9.53
CA ALA A 719 2.44 -9.41 -9.92
C ALA A 719 3.02 -8.01 -10.12
N SER A 720 3.75 -7.82 -11.21
CA SER A 720 4.39 -6.55 -11.52
C SER A 720 3.62 -5.78 -12.59
N GLN A 721 4.04 -4.54 -12.84
CA GLN A 721 3.41 -3.71 -13.85
C GLN A 721 3.41 -4.43 -15.20
N ILE A 722 4.57 -4.95 -15.57
CA ILE A 722 4.72 -5.66 -16.84
C ILE A 722 3.88 -6.94 -16.92
N ASN A 723 4.01 -7.81 -15.93
CA ASN A 723 3.28 -9.07 -15.94
C ASN A 723 1.77 -8.96 -15.83
N LEU A 724 1.28 -7.85 -15.28
CA LEU A 724 -0.17 -7.66 -15.12
C LEU A 724 -0.84 -7.02 -16.33
N LYS A 725 -0.06 -6.75 -17.37
CA LYS A 725 -0.63 -6.12 -18.56
C LYS A 725 -1.82 -6.92 -19.09
N GLY A 726 -2.91 -6.21 -19.35
CA GLY A 726 -4.11 -6.83 -19.89
C GLY A 726 -4.97 -7.64 -18.94
N THR A 727 -4.56 -7.76 -17.67
CA THR A 727 -5.31 -8.54 -16.70
C THR A 727 -6.47 -7.79 -16.04
N GLY A 728 -6.41 -6.47 -16.05
CA GLY A 728 -7.48 -5.70 -15.43
C GLY A 728 -7.10 -5.31 -14.01
N ILE A 729 -5.93 -5.77 -13.56
CA ILE A 729 -5.45 -5.44 -12.22
C ILE A 729 -4.63 -4.15 -12.38
N GLY A 730 -4.96 -3.13 -11.60
CA GLY A 730 -4.23 -1.89 -11.71
C GLY A 730 -2.91 -1.85 -10.97
N THR A 731 -2.04 -0.94 -11.39
CA THR A 731 -0.75 -0.74 -10.76
C THR A 731 -0.42 0.75 -10.78
N PHE A 732 0.17 1.23 -9.70
CA PHE A 732 0.57 2.62 -9.63
C PHE A 732 1.68 2.80 -10.65
N SER A 733 1.63 3.88 -11.42
CA SER A 733 2.69 4.12 -12.39
C SER A 733 3.64 5.16 -11.82
N ASP A 734 4.94 4.85 -11.85
CA ASP A 734 5.94 5.77 -11.35
C ASP A 734 6.53 6.63 -12.46
N ARG A 735 6.05 6.43 -13.69
CA ARG A 735 6.54 7.18 -14.86
C ARG A 735 6.18 8.66 -14.81
N LEU A 736 4.89 8.99 -14.94
CA LEU A 736 4.47 10.38 -14.91
C LEU A 736 4.85 10.98 -13.55
N ARG A 737 4.69 10.20 -12.50
CA ARG A 737 5.03 10.63 -11.15
C ARG A 737 6.44 11.25 -11.11
N ASP A 738 7.43 10.47 -11.51
CA ASP A 738 8.83 10.94 -11.52
C ASP A 738 9.06 12.09 -12.49
N ALA A 739 8.44 12.02 -13.66
CA ALA A 739 8.61 13.04 -14.69
C ALA A 739 8.10 14.40 -14.24
N VAL A 740 6.97 14.42 -13.54
CA VAL A 740 6.37 15.66 -13.07
C VAL A 740 6.96 16.17 -11.75
N ARG A 741 7.19 15.27 -10.80
CA ARG A 741 7.77 15.65 -9.51
C ARG A 741 9.24 15.98 -9.68
N GLY A 742 9.90 15.19 -10.53
CA GLY A 742 11.32 15.37 -10.77
C GLY A 742 12.08 14.36 -9.93
N GLY A 743 13.20 13.88 -10.46
CA GLY A 743 14.02 12.93 -9.73
C GLY A 743 13.39 11.58 -9.44
N GLY A 744 13.84 10.97 -8.34
CA GLY A 744 13.33 9.67 -7.92
C GLY A 744 13.35 9.56 -6.41
N PRO A 745 12.68 8.55 -5.82
CA PRO A 745 12.61 8.35 -4.37
C PRO A 745 13.94 8.12 -3.63
N PHE A 746 15.00 7.84 -4.38
CA PHE A 746 16.30 7.58 -3.76
C PHE A 746 17.16 8.83 -3.63
N ASP A 747 16.69 9.95 -4.19
CA ASP A 747 17.45 11.20 -4.15
C ASP A 747 17.64 11.72 -2.72
N SER A 748 18.81 12.31 -2.48
CA SER A 748 19.11 12.90 -1.18
C SER A 748 20.08 14.06 -1.42
N GLY A 749 20.21 14.94 -0.44
CA GLY A 749 21.12 16.06 -0.57
C GLY A 749 20.81 16.98 -1.75
N ASP A 750 21.86 17.43 -2.44
CA ASP A 750 21.69 18.33 -3.57
C ASP A 750 20.80 17.78 -4.69
N ALA A 751 20.82 16.45 -4.86
CA ALA A 751 20.02 15.83 -5.91
C ALA A 751 18.55 16.19 -5.77
N LEU A 752 18.11 16.42 -4.54
CA LEU A 752 16.71 16.78 -4.28
C LEU A 752 16.34 18.10 -4.94
N ARG A 753 17.30 19.01 -5.06
CA ARG A 753 17.04 20.30 -5.69
C ARG A 753 17.40 20.28 -7.18
N GLN A 754 18.48 19.58 -7.52
CA GLN A 754 18.93 19.51 -8.91
C GLN A 754 17.92 18.84 -9.83
N ASN A 755 17.28 17.77 -9.34
CA ASN A 755 16.34 17.03 -10.17
C ASN A 755 14.94 17.62 -10.27
N GLN A 756 14.84 18.71 -11.02
CA GLN A 756 13.58 19.39 -11.22
C GLN A 756 12.65 18.55 -12.11
N GLY A 757 11.35 18.76 -11.97
CA GLY A 757 10.39 18.02 -12.77
C GLY A 757 9.62 18.95 -13.68
N VAL A 758 8.76 18.38 -14.53
CA VAL A 758 7.97 19.21 -15.42
C VAL A 758 7.15 20.19 -14.58
N GLY A 759 6.67 19.71 -13.44
CA GLY A 759 5.87 20.54 -12.56
C GLY A 759 6.62 21.65 -11.84
N SER A 760 7.94 21.52 -11.77
CA SER A 760 8.75 22.54 -11.10
C SER A 760 9.71 23.29 -12.04
N GLY A 761 9.42 23.25 -13.34
CA GLY A 761 10.22 23.99 -14.31
C GLY A 761 11.48 23.39 -14.91
N ALA A 762 11.54 22.07 -15.04
CA ALA A 762 12.71 21.43 -15.63
C ALA A 762 13.02 22.13 -16.95
N GLY A 763 14.27 22.59 -17.10
CA GLY A 763 14.67 23.26 -18.32
C GLY A 763 14.25 24.71 -18.48
N VAL A 764 12.93 24.96 -18.40
CA VAL A 764 12.40 26.31 -18.58
C VAL A 764 12.63 27.29 -17.43
N LEU A 765 12.73 26.78 -16.20
CA LEU A 765 12.96 27.66 -15.05
C LEU A 765 13.94 26.96 -14.10
N PRO A 766 15.18 26.78 -14.55
CA PRO A 766 16.23 26.12 -13.77
C PRO A 766 16.64 26.83 -12.50
N ASN A 767 16.93 26.05 -11.46
CA ASN A 767 17.40 26.63 -10.20
C ASN A 767 18.92 26.73 -10.33
N GLU A 768 19.58 27.24 -9.29
CA GLU A 768 21.02 27.43 -9.35
C GLU A 768 21.90 26.19 -9.30
N LEU A 769 21.33 25.03 -9.00
CA LEU A 769 22.13 23.82 -8.91
C LEU A 769 21.95 22.80 -10.03
N THR A 770 20.78 22.77 -10.65
CA THR A 770 20.50 21.81 -11.70
C THR A 770 21.39 21.88 -12.92
N THR A 771 21.56 20.73 -13.58
CA THR A 771 22.37 20.62 -14.79
C THR A 771 21.49 20.04 -15.89
N LEU A 772 20.19 19.94 -15.62
CA LEU A 772 19.25 19.39 -16.58
C LEU A 772 19.31 20.10 -17.93
N SER A 773 19.41 19.31 -18.99
CA SER A 773 19.45 19.84 -20.36
C SER A 773 18.04 19.91 -20.91
N ASP A 774 17.88 20.63 -22.02
CA ASP A 774 16.57 20.76 -22.64
C ASP A 774 16.11 19.37 -23.10
N ASP A 775 17.07 18.57 -23.57
CA ASP A 775 16.77 17.23 -24.04
C ASP A 775 16.23 16.36 -22.91
N GLN A 776 16.84 16.47 -21.74
CA GLN A 776 16.40 15.70 -20.57
C GLN A 776 15.03 16.19 -20.13
N ALA A 777 14.82 17.51 -20.21
CA ALA A 777 13.54 18.10 -19.84
C ALA A 777 12.45 17.60 -20.78
N ARG A 778 12.77 17.56 -22.07
CA ARG A 778 11.80 17.09 -23.06
C ARG A 778 11.49 15.61 -22.93
N HIS A 779 12.44 14.85 -22.40
CA HIS A 779 12.23 13.42 -22.20
C HIS A 779 11.18 13.27 -21.12
N LEU A 780 11.26 14.11 -20.09
CA LEU A 780 10.28 14.04 -19.01
C LEU A 780 8.90 14.36 -19.58
N ALA A 781 8.84 15.32 -20.51
CA ALA A 781 7.58 15.69 -21.13
C ALA A 781 7.02 14.51 -21.92
N ASP A 782 7.90 13.71 -22.51
CA ASP A 782 7.44 12.54 -23.26
C ASP A 782 6.79 11.56 -22.30
N LEU A 783 7.43 11.33 -21.15
CA LEU A 783 6.89 10.42 -20.15
C LEU A 783 5.58 10.96 -19.60
N THR A 784 5.49 12.29 -19.46
CA THR A 784 4.27 12.90 -18.93
C THR A 784 3.11 12.76 -19.91
N ARG A 785 3.35 13.06 -21.18
CA ARG A 785 2.30 12.94 -22.18
C ARG A 785 1.84 11.49 -22.27
N LEU A 786 2.80 10.56 -22.28
CA LEU A 786 2.46 9.15 -22.35
C LEU A 786 1.54 8.78 -21.19
N GLY A 787 1.86 9.33 -20.01
CA GLY A 787 1.06 9.05 -18.83
C GLY A 787 -0.34 9.64 -18.91
N MET A 788 -0.45 10.84 -19.47
CA MET A 788 -1.76 11.48 -19.59
C MET A 788 -2.61 10.66 -20.55
N ALA A 789 -1.96 9.84 -21.37
CA ALA A 789 -2.68 8.99 -22.32
C ALA A 789 -2.86 7.58 -21.76
N GLY A 790 -2.68 7.43 -20.45
CA GLY A 790 -2.87 6.14 -19.82
C GLY A 790 -1.66 5.23 -19.74
N ASN A 791 -0.50 5.75 -20.12
CA ASN A 791 0.75 5.01 -20.10
C ASN A 791 0.62 3.66 -20.78
N LEU A 792 0.03 3.66 -21.96
CA LEU A 792 -0.19 2.43 -22.74
C LEU A 792 1.08 2.00 -23.48
N ALA A 793 1.30 0.69 -23.52
CA ALA A 793 2.46 0.14 -24.21
C ALA A 793 2.39 0.43 -25.71
N ASP A 794 1.20 0.37 -26.28
CA ASP A 794 1.02 0.59 -27.72
C ASP A 794 0.60 1.99 -28.17
N PHE A 795 0.52 2.94 -27.25
CA PHE A 795 0.13 4.29 -27.66
C PHE A 795 1.25 4.87 -28.51
N VAL A 796 0.89 5.48 -29.63
CA VAL A 796 1.87 6.06 -30.53
C VAL A 796 1.99 7.58 -30.39
N LEU A 797 3.21 8.06 -30.19
CA LEU A 797 3.44 9.48 -30.07
C LEU A 797 4.73 9.91 -30.74
N ILE A 798 4.91 11.23 -30.87
CA ILE A 798 6.12 11.78 -31.46
C ILE A 798 6.99 12.18 -30.27
N ASP A 799 8.19 11.61 -30.16
CA ASP A 799 9.05 11.95 -29.03
C ASP A 799 9.81 13.25 -29.20
N LYS A 800 10.63 13.56 -28.19
CA LYS A 800 11.42 14.78 -28.17
C LYS A 800 12.26 15.01 -29.42
N ASP A 801 12.63 13.94 -30.11
CA ASP A 801 13.45 14.06 -31.32
C ASP A 801 12.64 13.96 -32.60
N GLY A 802 11.32 14.01 -32.48
CA GLY A 802 10.46 13.93 -33.64
C GLY A 802 10.27 12.52 -34.15
N ALA A 803 10.77 11.54 -33.40
CA ALA A 803 10.65 10.15 -33.81
C ALA A 803 9.31 9.54 -33.40
N VAL A 804 8.79 8.64 -34.24
CA VAL A 804 7.53 7.97 -33.95
C VAL A 804 7.85 6.83 -32.98
N LYS A 805 7.21 6.84 -31.82
CA LYS A 805 7.47 5.82 -30.81
C LYS A 805 6.21 5.30 -30.14
N ARG A 806 6.22 4.01 -29.80
CA ARG A 806 5.10 3.42 -29.07
C ARG A 806 5.46 3.68 -27.61
N GLY A 807 4.47 3.67 -26.72
CA GLY A 807 4.75 3.91 -25.32
C GLY A 807 5.84 3.00 -24.75
N SER A 808 5.88 1.77 -25.24
CA SER A 808 6.88 0.81 -24.77
C SER A 808 8.29 1.20 -25.22
N GLU A 809 8.36 2.09 -26.21
CA GLU A 809 9.65 2.52 -26.74
C GLU A 809 10.21 3.76 -26.03
N ILE A 810 9.42 4.36 -25.15
CA ILE A 810 9.89 5.52 -24.40
C ILE A 810 10.55 4.97 -23.15
N ASP A 811 11.85 5.23 -23.00
CA ASP A 811 12.60 4.72 -21.88
C ASP A 811 12.31 5.35 -20.52
N TYR A 812 12.26 4.51 -19.50
CA TYR A 812 12.04 4.95 -18.14
C TYR A 812 13.10 4.27 -17.29
N ASN A 813 14.27 4.92 -17.19
CA ASN A 813 15.40 4.42 -16.42
C ASN A 813 15.77 2.98 -16.81
N GLY A 814 15.78 2.69 -18.10
CA GLY A 814 16.14 1.36 -18.55
C GLY A 814 15.01 0.40 -18.85
N ALA A 815 13.79 0.74 -18.45
CA ALA A 815 12.64 -0.13 -18.70
C ALA A 815 11.66 0.55 -19.66
N PRO A 816 10.84 -0.24 -20.37
CA PRO A 816 9.89 0.38 -21.30
C PRO A 816 8.90 1.23 -20.50
N GLY A 817 8.75 2.49 -20.91
CA GLY A 817 7.86 3.40 -20.21
C GLY A 817 6.42 2.94 -20.16
N GLY A 818 5.77 2.88 -21.31
CA GLY A 818 4.38 2.46 -21.38
C GLY A 818 4.29 0.96 -21.22
N TYR A 819 3.45 0.49 -20.31
CA TYR A 819 3.33 -0.95 -20.07
C TYR A 819 1.90 -1.49 -20.06
N ALA A 820 0.91 -0.61 -19.99
CA ALA A 820 -0.48 -1.02 -19.90
C ALA A 820 -1.23 -1.33 -21.20
N ALA A 821 -2.33 -2.06 -21.07
CA ALA A 821 -3.18 -2.43 -22.19
C ALA A 821 -4.38 -1.49 -22.21
N ASP A 822 -4.80 -1.04 -21.02
CA ASP A 822 -5.92 -0.12 -20.87
C ASP A 822 -5.52 0.91 -19.81
N PRO A 823 -6.01 2.15 -19.93
CA PRO A 823 -5.68 3.19 -18.95
C PRO A 823 -6.17 2.86 -17.54
N THR A 824 -7.15 1.97 -17.45
CA THR A 824 -7.69 1.56 -16.16
C THR A 824 -6.74 0.64 -15.40
N GLU A 825 -5.64 0.26 -16.05
CA GLU A 825 -4.65 -0.59 -15.41
C GLU A 825 -3.52 0.28 -14.88
N VAL A 826 -3.66 1.59 -15.05
CA VAL A 826 -2.65 2.54 -14.61
C VAL A 826 -3.23 3.57 -13.65
N VAL A 827 -2.52 3.80 -12.55
CA VAL A 827 -2.93 4.78 -11.56
C VAL A 827 -1.83 5.84 -11.53
N ASN A 828 -2.15 7.04 -12.02
CA ASN A 828 -1.19 8.15 -12.03
C ASN A 828 -1.28 8.95 -10.74
N TYR A 829 -0.16 9.55 -10.34
CA TYR A 829 -0.12 10.38 -9.14
C TYR A 829 1.15 11.18 -9.07
N VAL A 830 1.14 12.25 -8.28
CA VAL A 830 2.32 13.09 -8.09
C VAL A 830 2.56 13.32 -6.61
N SER A 831 1.80 12.62 -5.78
CA SER A 831 1.98 12.71 -4.33
C SER A 831 1.23 11.56 -3.68
N LYS A 832 1.82 11.00 -2.62
CA LYS A 832 1.23 9.87 -1.92
C LYS A 832 1.74 9.92 -0.47
N HIS A 833 1.21 9.05 0.39
CA HIS A 833 1.65 9.08 1.78
C HIS A 833 3.15 8.88 1.94
N ASP A 834 3.75 8.02 1.13
CA ASP A 834 5.19 7.78 1.22
C ASP A 834 6.00 8.73 0.35
N ASN A 835 7.19 9.06 0.83
CA ASN A 835 8.10 10.01 0.18
C ASN A 835 7.57 11.43 0.41
N GLN A 836 8.35 12.42 0.02
CA GLN A 836 7.96 13.83 0.23
C GLN A 836 6.66 14.25 -0.45
N THR A 837 5.96 15.19 0.19
CA THR A 837 4.72 15.69 -0.39
C THR A 837 5.07 16.50 -1.63
N LEU A 838 4.10 16.70 -2.50
CA LEU A 838 4.30 17.47 -3.71
C LEU A 838 4.83 18.87 -3.38
N TRP A 839 4.21 19.53 -2.40
CA TRP A 839 4.66 20.88 -2.02
C TRP A 839 6.10 20.90 -1.52
N ASP A 840 6.47 19.90 -0.72
CA ASP A 840 7.82 19.86 -0.20
C ASP A 840 8.82 19.64 -1.35
N MET A 841 8.42 18.90 -2.37
CA MET A 841 9.29 18.66 -3.52
C MET A 841 9.44 19.94 -4.34
N ILE A 842 8.34 20.67 -4.50
CA ILE A 842 8.38 21.91 -5.26
C ILE A 842 9.26 22.89 -4.50
N SER A 843 9.22 22.80 -3.17
CA SER A 843 10.02 23.68 -2.33
C SER A 843 11.51 23.33 -2.47
N TYR A 844 11.82 22.06 -2.68
CA TYR A 844 13.21 21.63 -2.86
C TYR A 844 13.72 22.04 -4.23
N LYS A 845 12.84 21.95 -5.22
CA LYS A 845 13.20 22.19 -6.62
C LYS A 845 12.99 23.56 -7.28
N ALA A 846 12.01 24.31 -6.81
CA ALA A 846 11.71 25.60 -7.41
C ALA A 846 12.86 26.58 -7.44
N ALA A 847 12.98 27.30 -8.55
CA ALA A 847 14.01 28.31 -8.71
C ALA A 847 13.74 29.38 -7.65
N GLN A 848 14.80 30.02 -7.17
CA GLN A 848 14.67 31.05 -6.16
C GLN A 848 13.69 32.16 -6.57
N GLU A 849 13.71 32.51 -7.86
CA GLU A 849 12.83 33.58 -8.35
C GLU A 849 11.36 33.19 -8.49
N ALA A 850 11.05 31.89 -8.44
CA ALA A 850 9.66 31.46 -8.54
C ALA A 850 8.99 31.88 -7.23
N ASP A 851 8.10 32.88 -7.30
CA ASP A 851 7.44 33.35 -6.09
C ASP A 851 6.37 32.42 -5.56
N LEU A 852 5.81 32.78 -4.42
CA LEU A 852 4.78 31.98 -3.78
C LEU A 852 3.62 31.63 -4.70
N ASP A 853 3.02 32.64 -5.33
CA ASP A 853 1.90 32.42 -6.25
C ASP A 853 2.26 31.44 -7.35
N THR A 854 3.48 31.57 -7.87
CA THR A 854 3.95 30.68 -8.93
C THR A 854 4.04 29.24 -8.42
N ARG A 855 4.48 29.08 -7.18
CA ARG A 855 4.61 27.75 -6.60
C ARG A 855 3.26 27.08 -6.40
N VAL A 856 2.24 27.87 -6.10
CA VAL A 856 0.91 27.32 -5.94
C VAL A 856 0.47 26.81 -7.31
N ARG A 857 0.75 27.60 -8.35
CA ARG A 857 0.36 27.19 -9.69
C ARG A 857 1.17 25.97 -10.13
N MET A 858 2.41 25.85 -9.65
CA MET A 858 3.22 24.68 -9.99
C MET A 858 2.54 23.46 -9.38
N GLN A 859 2.03 23.62 -8.16
CA GLN A 859 1.34 22.51 -7.51
C GLN A 859 0.13 22.11 -8.35
N ALA A 860 -0.62 23.11 -8.82
CA ALA A 860 -1.82 22.86 -9.62
C ALA A 860 -1.48 22.26 -10.98
N VAL A 861 -0.45 22.79 -11.62
CA VAL A 861 -0.03 22.30 -12.93
C VAL A 861 0.44 20.84 -12.82
N SER A 862 1.13 20.53 -11.73
CA SER A 862 1.62 19.17 -11.51
C SER A 862 0.42 18.22 -11.39
N LEU A 863 -0.55 18.62 -10.58
CA LEU A 863 -1.76 17.81 -10.37
C LEU A 863 -2.61 17.73 -11.62
N ALA A 864 -2.53 18.75 -12.48
CA ALA A 864 -3.32 18.75 -13.72
C ALA A 864 -2.95 17.59 -14.62
N THR A 865 -1.67 17.22 -14.65
CA THR A 865 -1.24 16.12 -15.51
C THR A 865 -1.92 14.83 -15.09
N VAL A 866 -2.24 14.72 -13.80
CA VAL A 866 -2.90 13.53 -13.27
C VAL A 866 -4.41 13.62 -13.47
N MET A 867 -5.01 14.68 -12.94
CA MET A 867 -6.45 14.90 -13.02
C MET A 867 -7.04 14.95 -14.42
N LEU A 868 -6.30 15.50 -15.37
CA LEU A 868 -6.79 15.61 -16.74
C LEU A 868 -6.29 14.48 -17.64
N GLY A 869 -5.68 13.46 -17.03
CA GLY A 869 -5.17 12.33 -17.78
C GLY A 869 -6.13 11.16 -17.86
N GLN A 870 -5.87 10.25 -18.79
CA GLN A 870 -6.71 9.05 -19.00
C GLN A 870 -6.52 7.97 -17.94
N GLY A 871 -5.36 7.96 -17.30
CA GLY A 871 -5.14 6.96 -16.27
C GLY A 871 -6.00 7.29 -15.07
N ILE A 872 -6.23 6.32 -14.20
CA ILE A 872 -7.01 6.56 -12.99
C ILE A 872 -6.22 7.61 -12.21
N ALA A 873 -6.93 8.55 -11.59
CA ALA A 873 -6.29 9.62 -10.84
C ALA A 873 -6.19 9.33 -9.35
N PHE A 874 -5.00 9.50 -8.80
CA PHE A 874 -4.77 9.24 -7.38
C PHE A 874 -4.02 10.42 -6.77
N ASP A 875 -4.37 10.77 -5.53
CA ASP A 875 -3.68 11.88 -4.87
C ASP A 875 -3.70 11.74 -3.37
N GLN A 876 -2.73 12.38 -2.74
CA GLN A 876 -2.59 12.38 -1.29
C GLN A 876 -3.53 13.39 -0.65
N GLN A 877 -4.12 12.97 0.47
CA GLN A 877 -5.01 13.83 1.24
C GLN A 877 -4.24 15.12 1.54
N GLY A 878 -4.81 16.26 1.21
CA GLY A 878 -4.11 17.50 1.51
C GLY A 878 -3.34 18.18 0.38
N SER A 879 -3.24 17.55 -0.78
CA SER A 879 -2.53 18.20 -1.88
C SER A 879 -3.26 19.49 -2.24
N GLU A 880 -4.59 19.48 -2.07
CA GLU A 880 -5.40 20.63 -2.39
C GLU A 880 -5.15 21.75 -1.38
N LEU A 881 -4.45 21.42 -0.30
CA LEU A 881 -4.11 22.39 0.73
C LEU A 881 -2.60 22.60 0.78
N LEU A 882 -1.91 22.29 -0.32
CA LEU A 882 -0.46 22.45 -0.40
C LEU A 882 0.25 21.76 0.76
N ARG A 883 -0.31 20.62 1.19
CA ARG A 883 0.22 19.87 2.32
C ARG A 883 1.73 19.66 2.38
N SER A 884 2.28 19.99 3.53
CA SER A 884 3.71 19.84 3.81
C SER A 884 3.88 18.98 5.06
N LYS A 885 5.03 18.30 5.14
CA LYS A 885 5.36 17.49 6.30
C LYS A 885 6.68 18.05 6.83
N SER A 886 6.94 19.32 6.49
CA SER A 886 8.16 20.01 6.92
C SER A 886 9.38 19.26 6.34
N PHE A 887 9.21 18.79 5.11
CA PHE A 887 10.24 18.04 4.37
C PHE A 887 10.42 16.58 4.79
N THR A 888 9.64 16.09 5.74
CA THR A 888 9.78 14.70 6.14
C THR A 888 9.54 13.80 4.93
N ARG A 889 10.46 12.87 4.69
CA ARG A 889 10.36 11.96 3.55
C ARG A 889 9.50 10.73 3.85
N ASP A 890 9.74 10.12 5.00
CA ASP A 890 9.04 8.90 5.44
C ASP A 890 8.43 9.20 6.80
N SER A 891 7.18 9.68 6.79
CA SER A 891 6.49 10.09 8.00
C SER A 891 5.63 9.09 8.76
N TYR A 892 5.79 7.80 8.47
CA TYR A 892 4.98 6.75 9.09
C TYR A 892 4.86 6.79 10.61
N ASP A 893 5.88 7.30 11.28
CA ASP A 893 5.88 7.35 12.75
C ASP A 893 6.24 8.75 13.24
N SER A 894 6.02 9.74 12.38
CA SER A 894 6.33 11.13 12.72
C SER A 894 5.22 11.87 13.45
N GLY A 895 4.20 11.13 13.87
CA GLY A 895 3.09 11.68 14.64
C GLY A 895 2.19 12.75 14.06
N ASP A 896 1.33 13.29 14.93
CA ASP A 896 0.40 14.35 14.56
C ASP A 896 1.14 15.61 14.12
N TRP A 897 2.30 15.85 14.72
CA TRP A 897 3.06 17.06 14.41
C TRP A 897 3.46 17.24 12.95
N PHE A 898 4.18 16.26 12.41
CA PHE A 898 4.64 16.36 11.03
C PHE A 898 3.63 15.93 9.97
N ASN A 899 2.59 15.22 10.40
CA ASN A 899 1.55 14.75 9.48
C ASN A 899 0.30 15.63 9.51
N ARG A 900 0.38 16.71 10.27
CA ARG A 900 -0.72 17.66 10.42
C ARG A 900 -1.37 18.21 9.14
N VAL A 901 -2.69 18.17 9.10
CA VAL A 901 -3.45 18.74 7.99
C VAL A 901 -4.44 19.66 8.68
N ASP A 902 -4.34 20.95 8.40
CA ASP A 902 -5.18 21.97 9.03
C ASP A 902 -6.40 22.35 8.21
N TYR A 903 -7.56 21.80 8.55
CA TYR A 903 -8.77 22.12 7.80
C TYR A 903 -9.38 23.48 8.17
N SER A 904 -8.71 24.22 9.05
CA SER A 904 -9.18 25.55 9.42
C SER A 904 -8.45 26.51 8.47
N LEU A 905 -7.57 25.95 7.65
CA LEU A 905 -6.84 26.67 6.62
C LEU A 905 -5.85 27.78 7.03
N GLN A 906 -5.23 27.65 8.20
CA GLN A 906 -4.28 28.68 8.63
C GLN A 906 -2.92 28.56 7.94
N ASP A 907 -2.47 27.33 7.72
CA ASP A 907 -1.19 27.09 7.04
C ASP A 907 -1.15 25.65 6.55
N ASN A 908 -0.12 25.31 5.77
CA ASN A 908 0.01 23.98 5.21
C ASN A 908 0.97 23.05 5.96
N ASN A 909 1.33 23.43 7.18
CA ASN A 909 2.23 22.67 8.04
C ASN A 909 3.69 22.66 7.56
N TYR A 910 4.05 23.66 6.78
CA TYR A 910 5.40 23.81 6.28
C TYR A 910 6.21 24.57 7.35
N ASN A 911 7.51 24.31 7.40
CA ASN A 911 8.41 24.98 8.33
C ASN A 911 7.99 24.85 9.80
N VAL A 912 7.76 23.63 10.26
CA VAL A 912 7.37 23.40 11.65
C VAL A 912 8.47 22.64 12.38
N GLY A 913 9.69 22.75 11.86
CA GLY A 913 10.82 22.09 12.47
C GLY A 913 11.52 21.16 11.51
N MET A 914 12.82 20.94 11.70
CA MET A 914 13.56 20.05 10.83
C MET A 914 12.98 18.64 11.00
N PRO A 915 12.88 17.89 9.90
CA PRO A 915 12.33 16.53 9.96
C PRO A 915 13.27 15.56 10.68
N ARG A 916 12.75 14.38 11.00
CA ARG A 916 13.51 13.34 11.70
C ARG A 916 14.94 13.22 11.16
N SER A 917 15.92 13.32 12.05
CA SER A 917 17.33 13.24 11.63
C SER A 917 17.76 11.86 11.15
N SER A 918 17.19 10.81 11.73
CA SER A 918 17.55 9.45 11.35
C SER A 918 17.35 9.16 9.86
N ASP A 919 16.33 9.77 9.26
CA ASP A 919 16.05 9.53 7.86
C ASP A 919 16.29 10.72 6.93
N ASP A 920 16.26 11.93 7.48
CA ASP A 920 16.45 13.14 6.68
C ASP A 920 17.65 13.98 7.09
N GLY A 921 18.42 13.50 8.05
CA GLY A 921 19.58 14.24 8.51
C GLY A 921 20.53 14.61 7.39
N SER A 922 20.67 13.73 6.41
CA SER A 922 21.56 13.99 5.28
C SER A 922 21.01 15.10 4.37
N ASN A 923 19.77 15.50 4.61
CA ASN A 923 19.14 16.54 3.80
C ASN A 923 19.03 17.88 4.51
N TYR A 924 19.48 17.93 5.76
CA TYR A 924 19.41 19.17 6.53
C TYR A 924 20.10 20.33 5.82
N ASP A 925 21.24 20.06 5.20
CA ASP A 925 21.97 21.10 4.50
C ASP A 925 21.14 21.74 3.39
N ILE A 926 20.60 20.91 2.50
CA ILE A 926 19.81 21.43 1.39
C ILE A 926 18.50 22.06 1.89
N ILE A 927 17.90 21.47 2.92
CA ILE A 927 16.67 22.00 3.48
C ILE A 927 16.89 23.43 3.98
N ALA A 928 17.95 23.64 4.76
CA ALA A 928 18.24 24.96 5.30
C ALA A 928 18.45 26.00 4.21
N ARG A 929 18.99 25.57 3.06
CA ARG A 929 19.25 26.48 1.96
C ARG A 929 18.03 26.89 1.14
N VAL A 930 17.05 26.00 1.01
CA VAL A 930 15.87 26.32 0.21
C VAL A 930 14.61 26.61 1.00
N LYS A 931 14.58 26.20 2.26
CA LYS A 931 13.39 26.34 3.08
C LYS A 931 12.70 27.71 3.12
N ASP A 932 13.46 28.77 3.35
CA ASP A 932 12.86 30.11 3.47
C ASP A 932 12.86 30.96 2.20
N ALA A 933 12.97 30.31 1.03
CA ALA A 933 12.97 31.04 -0.23
C ALA A 933 11.77 31.97 -0.34
N VAL A 934 10.60 31.48 0.04
CA VAL A 934 9.39 32.29 -0.01
C VAL A 934 8.58 32.11 1.27
N ALA A 935 7.49 32.88 1.39
CA ALA A 935 6.65 32.79 2.58
C ALA A 935 5.93 31.46 2.65
N THR A 936 5.50 31.10 3.87
CA THR A 936 4.77 29.86 4.10
C THR A 936 3.31 30.10 3.73
N PRO A 937 2.69 29.16 3.01
CA PRO A 937 1.28 29.30 2.60
C PRO A 937 0.36 29.60 3.77
N GLY A 938 -0.60 30.49 3.53
CA GLY A 938 -1.57 30.85 4.54
C GLY A 938 -2.95 30.62 3.97
N GLU A 939 -3.98 31.11 4.65
CA GLU A 939 -5.35 30.94 4.20
C GLU A 939 -5.60 31.36 2.74
N THR A 940 -4.97 32.46 2.32
CA THR A 940 -5.15 32.94 0.96
C THR A 940 -4.70 31.89 -0.06
N GLU A 941 -3.50 31.35 0.16
CA GLU A 941 -2.95 30.34 -0.74
C GLU A 941 -3.70 29.01 -0.69
N LEU A 942 -4.14 28.62 0.50
CA LEU A 942 -4.87 27.36 0.65
C LEU A 942 -6.20 27.42 -0.06
N LYS A 943 -6.91 28.53 0.09
CA LYS A 943 -8.19 28.68 -0.58
C LYS A 943 -7.99 28.71 -2.09
N GLN A 944 -6.91 29.33 -2.51
CA GLN A 944 -6.58 29.43 -3.93
C GLN A 944 -6.35 28.03 -4.49
N MET A 945 -5.52 27.25 -3.80
CA MET A 945 -5.22 25.90 -4.25
C MET A 945 -6.45 25.00 -4.24
N THR A 946 -7.27 25.10 -3.20
CA THR A 946 -8.46 24.26 -3.15
C THR A 946 -9.35 24.56 -4.35
N ALA A 947 -9.41 25.83 -4.74
CA ALA A 947 -10.21 26.24 -5.90
C ALA A 947 -9.62 25.63 -7.17
N PHE A 948 -8.30 25.69 -7.30
CA PHE A 948 -7.64 25.13 -8.48
C PHE A 948 -7.92 23.63 -8.53
N TYR A 949 -7.75 22.99 -7.39
CA TYR A 949 -7.95 21.55 -7.26
C TYR A 949 -9.35 21.11 -7.67
N GLN A 950 -10.36 21.79 -7.13
CA GLN A 950 -11.74 21.44 -7.44
C GLN A 950 -12.09 21.75 -8.89
N GLU A 951 -11.38 22.70 -9.49
CA GLU A 951 -11.61 23.02 -10.89
C GLU A 951 -11.12 21.83 -11.72
N LEU A 952 -9.94 21.33 -11.37
CA LEU A 952 -9.36 20.19 -12.08
C LEU A 952 -10.22 18.94 -11.98
N THR A 953 -10.67 18.60 -10.77
CA THR A 953 -11.50 17.41 -10.62
C THR A 953 -12.85 17.59 -11.29
N ALA A 954 -13.37 18.82 -11.29
CA ALA A 954 -14.66 19.09 -11.94
C ALA A 954 -14.48 18.92 -13.45
N LEU A 955 -13.34 19.36 -13.97
CA LEU A 955 -13.05 19.24 -15.39
C LEU A 955 -12.94 17.77 -15.78
N ARG A 956 -12.29 16.98 -14.93
CA ARG A 956 -12.11 15.55 -15.18
C ARG A 956 -13.43 14.83 -15.39
N LYS A 957 -14.45 15.20 -14.62
CA LYS A 957 -15.75 14.54 -14.78
C LYS A 957 -16.71 15.32 -15.67
N SER A 958 -16.26 16.43 -16.23
CA SER A 958 -17.11 17.26 -17.09
C SER A 958 -17.40 16.63 -18.45
N SER A 959 -16.67 15.59 -18.80
CA SER A 959 -16.87 14.92 -20.08
C SER A 959 -16.33 13.50 -20.10
N PRO A 960 -17.05 12.58 -20.76
CA PRO A 960 -16.59 11.19 -20.82
C PRO A 960 -15.30 11.04 -21.63
N LEU A 961 -14.92 12.08 -22.36
CA LEU A 961 -13.71 12.04 -23.18
C LEU A 961 -12.42 11.99 -22.36
N PHE A 962 -12.48 12.49 -21.12
CA PHE A 962 -11.31 12.48 -20.24
C PHE A 962 -11.03 11.10 -19.67
N THR A 963 -12.06 10.26 -19.66
CA THR A 963 -11.94 8.92 -19.07
C THR A 963 -12.49 7.83 -19.98
N LEU A 964 -11.84 7.65 -21.13
CA LEU A 964 -12.27 6.66 -22.12
C LEU A 964 -12.26 5.21 -21.67
N GLY A 965 -11.36 4.86 -20.75
CA GLY A 965 -11.30 3.51 -20.23
C GLY A 965 -10.64 2.43 -21.07
N ASP A 966 -11.05 2.31 -22.33
CA ASP A 966 -10.50 1.30 -23.23
C ASP A 966 -9.26 1.80 -23.96
N GLY A 967 -8.18 1.02 -23.88
CA GLY A 967 -6.94 1.39 -24.54
C GLY A 967 -7.07 1.68 -26.02
N ALA A 968 -7.81 0.84 -26.74
CA ALA A 968 -8.00 1.03 -28.17
C ALA A 968 -8.71 2.34 -28.48
N THR A 969 -9.64 2.72 -27.60
CA THR A 969 -10.39 3.96 -27.79
C THR A 969 -9.48 5.17 -27.55
N VAL A 970 -8.57 5.04 -26.59
CA VAL A 970 -7.63 6.12 -26.30
C VAL A 970 -6.75 6.33 -27.53
N MET A 971 -6.27 5.23 -28.10
CA MET A 971 -5.41 5.30 -29.27
C MET A 971 -6.13 5.91 -30.48
N LYS A 972 -7.44 5.72 -30.54
CA LYS A 972 -8.24 6.24 -31.64
C LYS A 972 -8.64 7.71 -31.48
N ARG A 973 -8.60 8.20 -30.24
CA ARG A 973 -9.04 9.57 -29.97
C ARG A 973 -8.02 10.55 -29.40
N VAL A 974 -7.03 10.04 -28.67
CA VAL A 974 -6.05 10.92 -28.04
C VAL A 974 -4.78 11.16 -28.85
N ASP A 975 -4.37 12.42 -28.92
CA ASP A 975 -3.16 12.80 -29.63
C ASP A 975 -2.53 13.99 -28.91
N PHE A 976 -1.36 14.42 -29.36
CA PHE A 976 -0.69 15.56 -28.76
C PHE A 976 -0.16 16.51 -29.82
N ARG A 977 -0.01 17.77 -29.43
CA ARG A 977 0.52 18.80 -30.31
C ARG A 977 1.77 19.31 -29.61
N ASN A 978 2.46 20.27 -30.22
CA ASN A 978 3.66 20.83 -29.63
C ASN A 978 4.64 19.71 -29.27
N THR A 979 4.93 18.85 -30.24
CA THR A 979 5.85 17.73 -30.03
C THR A 979 7.04 17.87 -30.97
N GLY A 980 8.06 17.06 -30.75
CA GLY A 980 9.23 17.11 -31.62
C GLY A 980 10.34 18.02 -31.14
N ALA A 981 11.32 18.24 -32.02
CA ALA A 981 12.47 19.07 -31.73
C ALA A 981 12.20 20.57 -31.68
N ASP A 982 11.14 21.00 -32.35
CA ASP A 982 10.79 22.42 -32.39
C ASP A 982 9.69 22.78 -31.40
N GLN A 983 9.48 21.92 -30.41
CA GLN A 983 8.44 22.15 -29.41
C GLN A 983 8.81 23.25 -28.42
N GLN A 984 7.78 23.86 -27.84
CA GLN A 984 7.98 24.90 -26.82
C GLN A 984 8.02 24.12 -25.51
N THR A 985 9.21 24.00 -24.95
CA THR A 985 9.43 23.25 -23.71
C THR A 985 8.48 23.59 -22.58
N GLY A 986 7.92 22.56 -21.96
CA GLY A 986 7.01 22.76 -20.83
C GLY A 986 5.54 22.84 -21.18
N LEU A 987 5.23 23.06 -22.45
CA LEU A 987 3.84 23.15 -22.89
C LEU A 987 3.31 21.80 -23.33
N LEU A 988 2.32 21.29 -22.60
CA LEU A 988 1.71 20.01 -22.91
C LEU A 988 0.36 20.29 -23.57
N VAL A 989 0.18 19.82 -24.79
CA VAL A 989 -1.07 20.04 -25.51
C VAL A 989 -1.61 18.69 -25.94
N MET A 990 -2.71 18.28 -25.32
CA MET A 990 -3.34 17.00 -25.61
C MET A 990 -4.71 17.22 -26.22
N THR A 991 -5.01 16.46 -27.28
CA THR A 991 -6.30 16.58 -27.92
C THR A 991 -7.06 15.27 -27.76
N ILE A 992 -8.38 15.38 -27.60
CA ILE A 992 -9.23 14.21 -27.46
C ILE A 992 -10.33 14.37 -28.50
N ASP A 993 -10.30 13.48 -29.49
CA ASP A 993 -11.26 13.53 -30.59
C ASP A 993 -12.64 12.94 -30.29
N ASP A 994 -13.66 13.60 -30.83
CA ASP A 994 -15.02 13.11 -30.69
C ASP A 994 -15.70 13.33 -32.04
N GLY A 995 -14.86 13.58 -33.05
CA GLY A 995 -15.36 13.82 -34.40
C GLY A 995 -15.71 12.54 -35.14
N MET A 996 -16.21 12.70 -36.36
CA MET A 996 -16.63 11.58 -37.19
C MET A 996 -15.58 10.48 -37.36
N GLN A 997 -14.31 10.86 -37.47
CA GLN A 997 -13.24 9.88 -37.65
C GLN A 997 -12.92 9.05 -36.41
N ALA A 998 -13.36 9.51 -35.24
CA ALA A 998 -13.10 8.78 -34.00
C ALA A 998 -14.13 7.67 -33.83
N GLY A 999 -15.30 7.89 -34.43
CA GLY A 999 -16.37 6.92 -34.33
C GLY A 999 -17.62 7.67 -33.90
N ALA A 1000 -18.31 7.15 -32.90
CA ALA A 1000 -19.53 7.79 -32.42
C ALA A 1000 -19.22 8.96 -31.49
N SER A 1001 -20.15 9.90 -31.39
CA SER A 1001 -19.99 11.05 -30.52
C SER A 1001 -20.32 10.60 -29.10
N LEU A 1002 -19.32 10.62 -28.22
CA LEU A 1002 -19.52 10.20 -26.83
C LEU A 1002 -19.98 11.39 -25.98
N ASP A 1003 -19.77 12.59 -26.51
CA ASP A 1003 -20.16 13.81 -25.81
C ASP A 1003 -20.94 14.68 -26.80
N SER A 1004 -22.24 14.75 -26.60
CA SER A 1004 -23.13 15.51 -27.48
C SER A 1004 -22.90 17.02 -27.46
N ARG A 1005 -22.10 17.50 -26.53
CA ARG A 1005 -21.85 18.93 -26.43
C ARG A 1005 -20.59 19.40 -27.15
N VAL A 1006 -19.69 18.47 -27.46
CA VAL A 1006 -18.44 18.83 -28.12
C VAL A 1006 -17.98 17.81 -29.14
N ASP A 1007 -17.21 18.28 -30.12
CA ASP A 1007 -16.67 17.41 -31.15
C ASP A 1007 -15.21 17.11 -30.82
N GLY A 1008 -14.73 17.73 -29.75
CA GLY A 1008 -13.35 17.52 -29.34
C GLY A 1008 -12.96 18.41 -28.18
N ILE A 1009 -11.91 18.01 -27.48
CA ILE A 1009 -11.41 18.75 -26.34
C ILE A 1009 -9.90 18.92 -26.45
N VAL A 1010 -9.42 20.06 -25.98
CA VAL A 1010 -7.99 20.34 -25.99
C VAL A 1010 -7.58 20.65 -24.56
N VAL A 1011 -6.56 19.97 -24.09
CA VAL A 1011 -6.04 20.18 -22.74
C VAL A 1011 -4.68 20.84 -22.95
N ALA A 1012 -4.52 22.04 -22.42
CA ALA A 1012 -3.26 22.76 -22.57
C ALA A 1012 -2.69 23.09 -21.20
N ILE A 1013 -1.51 22.54 -20.90
CA ILE A 1013 -0.85 22.79 -19.62
C ILE A 1013 0.46 23.51 -19.93
N ASN A 1014 0.51 24.80 -19.61
CA ASN A 1014 1.72 25.59 -19.87
C ASN A 1014 2.58 25.63 -18.60
N ALA A 1015 3.41 24.61 -18.43
CA ALA A 1015 4.31 24.54 -17.28
C ALA A 1015 5.59 25.28 -17.65
N ALA A 1016 5.48 26.60 -17.71
CA ALA A 1016 6.61 27.45 -18.07
C ALA A 1016 6.36 28.89 -17.66
N PRO A 1017 7.44 29.66 -17.48
CA PRO A 1017 7.36 31.07 -17.08
C PRO A 1017 7.02 32.07 -18.21
N GLU A 1018 6.84 31.57 -19.42
CA GLU A 1018 6.48 32.43 -20.56
C GLU A 1018 5.03 32.21 -20.96
N SER A 1019 4.48 33.20 -21.67
CA SER A 1019 3.13 33.07 -22.20
C SER A 1019 3.38 32.29 -23.49
N ARG A 1020 2.47 31.38 -23.83
CA ARG A 1020 2.60 30.59 -25.03
C ARG A 1020 1.37 30.73 -25.93
N THR A 1021 1.59 30.81 -27.23
CA THR A 1021 0.50 30.93 -28.19
C THR A 1021 0.39 29.68 -29.04
N LEU A 1022 -0.83 29.12 -29.11
CA LEU A 1022 -1.09 27.94 -29.91
C LEU A 1022 -1.70 28.41 -31.22
N GLN A 1023 -1.09 28.02 -32.35
CA GLN A 1023 -1.57 28.43 -33.66
C GLN A 1023 -2.14 27.27 -34.47
N ASP A 1024 -2.03 26.05 -33.95
CA ASP A 1024 -2.51 24.88 -34.67
C ASP A 1024 -4.01 24.58 -34.60
N PHE A 1025 -4.79 25.51 -34.06
CA PHE A 1025 -6.23 25.33 -33.98
C PHE A 1025 -6.95 26.51 -34.64
N ALA A 1026 -6.23 27.23 -35.49
CA ALA A 1026 -6.77 28.38 -36.20
C ALA A 1026 -7.99 27.97 -37.03
N GLY A 1027 -9.04 28.78 -36.96
CA GLY A 1027 -10.25 28.48 -37.70
C GLY A 1027 -10.82 27.15 -37.26
N THR A 1028 -11.07 27.01 -35.97
CA THR A 1028 -11.61 25.76 -35.43
C THR A 1028 -12.69 26.02 -34.39
N SER A 1029 -13.01 27.30 -34.17
CA SER A 1029 -14.04 27.70 -33.20
C SER A 1029 -13.87 27.02 -31.84
N LEU A 1030 -12.68 27.17 -31.26
CA LEU A 1030 -12.37 26.58 -29.97
C LEU A 1030 -12.87 27.53 -28.86
N GLN A 1031 -13.48 26.96 -27.82
CA GLN A 1031 -13.99 27.77 -26.71
C GLN A 1031 -13.49 27.27 -25.37
N LEU A 1032 -13.27 28.19 -24.42
CA LEU A 1032 -12.81 27.81 -23.09
C LEU A 1032 -13.93 27.11 -22.34
N SER A 1033 -13.59 26.06 -21.60
CA SER A 1033 -14.58 25.32 -20.81
C SER A 1033 -15.44 26.25 -19.96
N ALA A 1034 -16.74 25.98 -19.92
CA ALA A 1034 -17.66 26.79 -19.14
C ALA A 1034 -17.26 26.78 -17.67
N ILE A 1035 -16.76 25.65 -17.20
CA ILE A 1035 -16.33 25.52 -15.81
C ILE A 1035 -15.20 26.50 -15.49
N GLN A 1036 -14.21 26.58 -16.37
CA GLN A 1036 -13.11 27.51 -16.14
C GLN A 1036 -13.56 28.96 -16.29
N GLN A 1037 -14.44 29.22 -17.26
CA GLN A 1037 -14.95 30.57 -17.46
C GLN A 1037 -15.62 31.04 -16.17
N ALA A 1038 -16.42 30.15 -15.59
CA ALA A 1038 -17.16 30.45 -14.38
C ALA A 1038 -16.27 30.81 -13.18
N ALA A 1039 -15.06 30.29 -13.17
CA ALA A 1039 -14.13 30.57 -12.07
C ALA A 1039 -13.51 31.96 -12.19
N GLY A 1040 -13.65 32.57 -13.36
CA GLY A 1040 -13.10 33.90 -13.56
C GLY A 1040 -11.60 33.98 -13.29
N ASP A 1041 -11.18 35.02 -12.59
CA ASP A 1041 -9.75 35.20 -12.29
C ASP A 1041 -9.20 34.25 -11.25
N ARG A 1042 -10.02 33.31 -10.80
CA ARG A 1042 -9.58 32.32 -9.81
C ARG A 1042 -9.33 30.99 -10.53
N SER A 1043 -9.50 31.01 -11.84
CA SER A 1043 -9.30 29.82 -12.66
C SER A 1043 -7.84 29.62 -13.03
N LEU A 1044 -7.47 28.36 -13.30
CA LEU A 1044 -6.11 28.07 -13.72
C LEU A 1044 -5.97 28.63 -15.13
N ALA A 1045 -7.11 28.95 -15.74
CA ALA A 1045 -7.13 29.51 -17.09
C ALA A 1045 -7.31 31.03 -17.10
N SER A 1046 -7.14 31.67 -15.95
CA SER A 1046 -7.28 33.12 -15.90
C SER A 1046 -6.24 33.75 -16.83
N GLY A 1047 -6.67 34.68 -17.68
CA GLY A 1047 -5.74 35.31 -18.59
C GLY A 1047 -5.63 34.65 -19.95
N VAL A 1048 -6.21 33.45 -20.08
CA VAL A 1048 -6.15 32.75 -21.36
C VAL A 1048 -6.94 33.58 -22.38
N GLN A 1049 -6.42 33.66 -23.59
CA GLN A 1049 -7.07 34.44 -24.65
C GLN A 1049 -7.37 33.59 -25.87
N VAL A 1050 -8.60 33.67 -26.35
CA VAL A 1050 -9.03 32.95 -27.54
C VAL A 1050 -9.33 34.04 -28.56
N ALA A 1051 -8.36 34.31 -29.43
CA ALA A 1051 -8.49 35.36 -30.45
C ALA A 1051 -9.37 35.01 -31.64
N ALA A 1052 -9.63 36.03 -32.46
CA ALA A 1052 -10.47 35.88 -33.65
C ALA A 1052 -9.85 34.90 -34.64
N ASP A 1053 -8.55 35.05 -34.88
CA ASP A 1053 -7.83 34.19 -35.81
C ASP A 1053 -7.80 32.74 -35.34
N GLY A 1054 -8.38 32.49 -34.16
CA GLY A 1054 -8.41 31.13 -33.64
C GLY A 1054 -7.23 30.75 -32.76
N SER A 1055 -6.20 31.59 -32.73
CA SER A 1055 -5.03 31.31 -31.90
C SER A 1055 -5.42 31.41 -30.44
N VAL A 1056 -4.75 30.61 -29.60
CA VAL A 1056 -5.02 30.60 -28.17
C VAL A 1056 -3.74 30.94 -27.43
N THR A 1057 -3.79 31.96 -26.58
CA THR A 1057 -2.62 32.34 -25.81
C THR A 1057 -2.82 31.97 -24.35
N LEU A 1058 -1.80 31.32 -23.78
CA LEU A 1058 -1.83 30.88 -22.40
C LEU A 1058 -0.79 31.60 -21.56
N PRO A 1059 -1.19 32.12 -20.39
CA PRO A 1059 -0.28 32.82 -19.49
C PRO A 1059 0.68 31.81 -18.88
N ALA A 1060 1.70 32.29 -18.18
CA ALA A 1060 2.66 31.40 -17.53
C ALA A 1060 1.93 30.51 -16.51
N TRP A 1061 2.44 29.30 -16.31
CA TRP A 1061 1.87 28.35 -15.35
C TRP A 1061 0.36 28.32 -15.34
N SER A 1062 -0.23 28.06 -16.51
CA SER A 1062 -1.68 28.02 -16.64
C SER A 1062 -2.15 26.69 -17.20
N VAL A 1063 -3.44 26.42 -17.02
CA VAL A 1063 -4.06 25.20 -17.52
C VAL A 1063 -5.38 25.61 -18.15
N ALA A 1064 -5.55 25.24 -19.42
CA ALA A 1064 -6.77 25.56 -20.13
C ALA A 1064 -7.38 24.34 -20.79
N VAL A 1065 -8.68 24.16 -20.61
CA VAL A 1065 -9.39 23.07 -21.24
C VAL A 1065 -10.31 23.77 -22.24
N LEU A 1066 -10.05 23.54 -23.52
CA LEU A 1066 -10.85 24.15 -24.58
C LEU A 1066 -11.68 23.09 -25.27
N GLU A 1067 -12.79 23.50 -25.87
CA GLU A 1067 -13.66 22.54 -26.54
C GLU A 1067 -14.22 23.05 -27.86
N LEU A 1068 -14.57 22.10 -28.72
CA LEU A 1068 -15.16 22.41 -30.01
C LEU A 1068 -16.64 22.14 -29.85
N PRO A 1069 -17.46 23.21 -29.75
CA PRO A 1069 -18.90 23.04 -29.58
C PRO A 1069 -19.49 22.24 -30.73
N GLN A 1070 -20.35 21.28 -30.40
CA GLN A 1070 -20.98 20.43 -31.41
C GLN A 1070 -22.26 21.07 -31.94
N GLY A 1071 -22.36 21.11 -33.27
CA GLY A 1071 -23.53 21.70 -33.89
C GLY A 1071 -24.66 20.72 -34.15
N GLU A 1072 -25.38 20.93 -35.25
CA GLU A 1072 -26.50 20.08 -35.63
C GLU A 1072 -26.11 18.61 -35.65
N SER A 1073 -24.93 18.32 -36.19
CA SER A 1073 -24.44 16.96 -36.28
C SER A 1073 -23.00 16.88 -35.80
N GLN A 1074 -22.50 15.65 -35.63
CA GLN A 1074 -21.13 15.42 -35.20
C GLN A 1074 -20.23 16.11 -36.21
N GLY A 1075 -19.21 16.81 -35.72
CA GLY A 1075 -18.30 17.53 -36.59
C GLY A 1075 -17.00 16.82 -36.95
N ALA A 1076 -16.06 17.57 -37.51
CA ALA A 1076 -14.76 17.04 -37.90
C ALA A 1076 -13.92 16.68 -36.69
N GLY A 1077 -14.05 17.46 -35.62
CA GLY A 1077 -13.31 17.18 -34.41
C GLY A 1077 -11.81 17.39 -34.52
N LEU A 1078 -11.06 16.57 -33.80
CA LEU A 1078 -9.60 16.64 -33.79
C LEU A 1078 -9.06 15.23 -34.03
N PRO A 1079 -9.12 14.76 -35.28
CA PRO A 1079 -8.64 13.42 -35.62
C PRO A 1079 -7.16 13.19 -35.28
N VAL A 1080 -6.86 11.99 -34.79
CA VAL A 1080 -5.50 11.61 -34.45
C VAL A 1080 -4.73 11.51 -35.77
N SER A 1081 -3.59 12.18 -35.85
CA SER A 1081 -2.79 12.17 -37.07
C SER A 1081 -2.10 10.84 -37.32
N SER A 1082 -1.95 10.49 -38.60
CA SER A 1082 -1.30 9.26 -38.99
C SER A 1082 0.19 9.42 -38.75
N LYS A 1083 0.79 8.45 -38.05
CA LYS A 1083 2.20 8.50 -37.74
C LYS A 1083 2.95 7.29 -38.27
#